data_1P6C
#
_entry.id   1P6C
#
_cell.length_a   130.400
_cell.length_b   91.900
_cell.length_c   69.700
_cell.angle_alpha   90.00
_cell.angle_beta   90.90
_cell.angle_gamma   90.00
#
_symmetry.space_group_name_H-M   'C 1 2 1'
#
loop_
_entity.id
_entity.type
_entity.pdbx_description
1 polymer 'Parathion hydrolase'
2 non-polymer 'ZINC ION'
3 non-polymer 'DIETHYL 4-METHYLBENZYLPHOSPHONATE'
4 non-polymer 'METHYLPHOSPHONIC ACID DIISOPROPYL ESTER'
5 water water
#
_entity_poly.entity_id   1
_entity_poly.type   'polypeptide(L)'
_entity_poly.pdbx_seq_one_letter_code
;SIGTGDRINTVRGPITISEAGFTLTHEHICGSSAGFLRAWPEFFGSRKALAEKAVRGLRRARAAGVRTIVDVSTFDIGRD
VSLLAEVSRAADVHIVAATGLWFDPPLSMRLRSVEELTQFFLREIQYGIEDTGIRAGII(KCX)VATTGKATPFQELVLK
AAARASLATGVPVTTHTAASQRDGEQQAAIFESEGLSPSRVCIGHSDDTDDLSYLTALAARGYLIGLDGIPWSAIGLEDN
ASASALLGIRSWQTRALLIKALIDQGYMKQILVSNDWTFGFSSYVTNIMDVMDRVNPDGMAFIPLRVIPFLREKGVPQET
LAGITVTNPARFLSPTLRAS
;
_entity_poly.pdbx_strand_id   A,B
#
loop_
_chem_comp.id
_chem_comp.type
_chem_comp.name
_chem_comp.formula
DII non-polymer 'METHYLPHOSPHONIC ACID DIISOPROPYL ESTER' 'C7 H17 O3 P'
EBP non-polymer 'DIETHYL 4-METHYLBENZYLPHOSPHONATE' 'C12 H19 O3 P'
ZN non-polymer 'ZINC ION' 'Zn 2'
#
# COMPACT_ATOMS: atom_id res chain seq x y z
N GLY A 5 -0.34 -32.23 2.80
CA GLY A 5 -1.54 -32.72 3.44
C GLY A 5 -1.25 -33.38 4.79
N ASP A 6 0.04 -33.54 5.03
CA ASP A 6 0.52 -34.14 6.26
C ASP A 6 1.10 -33.07 7.16
N ARG A 7 1.66 -32.05 6.49
CA ARG A 7 2.29 -30.95 7.18
C ARG A 7 1.62 -29.64 6.88
N ILE A 8 1.73 -28.76 7.85
CA ILE A 8 1.19 -27.40 7.74
C ILE A 8 2.34 -26.41 7.71
N ASN A 9 2.30 -25.42 6.80
CA ASN A 9 3.39 -24.43 6.77
C ASN A 9 3.26 -23.33 7.81
N THR A 10 4.38 -23.05 8.48
CA THR A 10 4.48 -21.98 9.47
C THR A 10 5.62 -21.09 9.08
N VAL A 11 5.75 -19.96 9.75
CA VAL A 11 6.83 -19.06 9.38
C VAL A 11 8.14 -19.64 9.82
N ARG A 12 8.11 -20.78 10.52
CA ARG A 12 9.37 -21.37 10.95
C ARG A 12 9.64 -22.64 10.16
N GLY A 13 8.68 -23.02 9.34
CA GLY A 13 8.81 -24.22 8.53
C GLY A 13 7.55 -25.05 8.70
N PRO A 14 7.61 -26.25 8.13
CA PRO A 14 6.47 -27.14 8.22
C PRO A 14 6.49 -27.84 9.57
N ILE A 15 5.27 -28.13 10.04
CA ILE A 15 4.95 -28.84 11.26
C ILE A 15 3.88 -29.86 10.97
N THR A 16 3.87 -30.87 11.82
CA THR A 16 2.91 -31.89 11.63
C THR A 16 1.64 -31.49 12.29
N ILE A 17 0.57 -32.09 11.78
CA ILE A 17 -0.75 -31.82 12.30
C ILE A 17 -0.87 -31.93 13.84
N SER A 18 -0.23 -32.94 14.43
CA SER A 18 -0.28 -33.09 15.88
C SER A 18 0.47 -31.96 16.63
N GLU A 19 1.42 -31.33 15.96
CA GLU A 19 2.21 -30.30 16.56
C GLU A 19 1.42 -29.02 16.82
N ALA A 20 0.40 -28.75 15.99
CA ALA A 20 -0.43 -27.53 16.12
C ALA A 20 -1.15 -27.26 17.45
N GLY A 21 -1.78 -28.29 18.03
CA GLY A 21 -2.51 -28.20 19.28
C GLY A 21 -3.50 -27.05 19.30
N PHE A 22 -3.80 -26.62 20.49
CA PHE A 22 -4.69 -25.49 20.70
C PHE A 22 -4.34 -24.40 19.70
N THR A 23 -5.26 -24.10 18.81
CA THR A 23 -4.98 -23.13 17.76
C THR A 23 -5.95 -21.96 17.73
N LEU A 24 -5.46 -20.71 17.64
CA LEU A 24 -6.32 -19.51 17.49
C LEU A 24 -6.38 -19.19 15.98
N THR A 25 -7.57 -19.30 15.38
CA THR A 25 -7.72 -19.16 13.92
C THR A 25 -7.90 -17.80 13.23
N HIS A 26 -8.00 -16.73 13.98
CA HIS A 26 -8.12 -15.40 13.39
C HIS A 26 -7.54 -14.35 14.31
N GLU A 27 -6.26 -14.12 14.11
CA GLU A 27 -5.59 -13.11 14.92
C GLU A 27 -4.71 -12.23 14.05
N HIS A 28 -3.96 -11.33 14.69
CA HIS A 28 -3.06 -10.44 13.97
C HIS A 28 -1.87 -10.00 14.84
N ILE A 29 -0.65 -9.95 14.31
CA ILE A 29 0.41 -9.41 15.15
C ILE A 29 0.28 -7.88 15.04
N CYS A 30 0.05 -7.41 13.82
CA CYS A 30 -0.11 -5.98 13.54
C CYS A 30 -1.06 -5.73 12.38
N GLY A 31 -1.97 -4.76 12.56
CA GLY A 31 -2.97 -4.37 11.58
C GLY A 31 -2.58 -3.04 11.02
N SER A 32 -2.03 -3.08 9.82
CA SER A 32 -1.47 -1.88 9.23
C SER A 32 -1.73 -1.76 7.75
N SER A 33 -0.71 -1.26 7.05
CA SER A 33 -0.80 -1.10 5.59
C SER A 33 0.53 -1.48 4.94
N ALA A 34 0.49 -1.88 3.66
CA ALA A 34 1.66 -2.26 2.92
C ALA A 34 2.75 -1.22 2.99
N GLY A 35 3.94 -1.67 3.33
CA GLY A 35 5.11 -0.82 3.46
C GLY A 35 5.13 0.11 4.67
N PHE A 36 4.00 0.26 5.35
CA PHE A 36 3.86 1.18 6.47
C PHE A 36 4.85 1.00 7.63
N LEU A 37 5.02 -0.25 8.00
CA LEU A 37 5.88 -0.60 9.11
C LEU A 37 7.35 -0.27 8.86
N ARG A 38 7.78 -0.42 7.61
CA ARG A 38 9.14 -0.10 7.22
C ARG A 38 9.31 1.38 7.02
N ALA A 39 8.25 2.02 6.54
CA ALA A 39 8.35 3.45 6.29
C ALA A 39 8.25 4.34 7.53
N TRP A 40 7.37 4.01 8.49
CA TRP A 40 7.13 4.80 9.68
C TRP A 40 6.93 3.95 10.90
N PRO A 41 7.99 3.31 11.33
CA PRO A 41 8.01 2.40 12.48
C PRO A 41 7.66 3.08 13.81
N GLU A 42 8.01 4.36 13.87
CA GLU A 42 7.77 5.21 15.02
C GLU A 42 6.31 5.42 15.29
N PHE A 43 5.49 5.15 14.31
CA PHE A 43 4.09 5.33 14.61
C PHE A 43 3.63 4.37 15.71
N PHE A 44 4.39 3.31 15.90
CA PHE A 44 4.12 2.29 16.91
C PHE A 44 5.15 2.41 18.02
N GLY A 45 5.84 3.51 18.07
CA GLY A 45 6.84 3.60 19.09
C GLY A 45 8.15 3.28 18.41
N SER A 46 8.28 2.03 18.02
CA SER A 46 9.43 1.54 17.30
C SER A 46 9.23 0.09 16.87
N ARG A 47 9.97 -0.38 15.89
CA ARG A 47 9.75 -1.76 15.55
C ARG A 47 10.10 -2.65 16.75
N LYS A 48 11.14 -2.29 17.47
CA LYS A 48 11.56 -3.11 18.61
C LYS A 48 10.48 -3.19 19.65
N ALA A 49 9.75 -2.12 19.82
CA ALA A 49 8.71 -2.13 20.84
C ALA A 49 7.47 -2.88 20.44
N LEU A 50 7.11 -2.80 19.16
CA LEU A 50 5.94 -3.52 18.70
C LEU A 50 6.26 -4.98 18.92
N ALA A 51 7.50 -5.32 18.59
CA ALA A 51 7.95 -6.70 18.77
C ALA A 51 7.96 -7.15 20.23
N GLU A 52 8.47 -6.34 21.16
CA GLU A 52 8.44 -6.80 22.55
C GLU A 52 7.03 -6.97 23.06
N LYS A 53 6.16 -6.09 22.57
CA LYS A 53 4.76 -6.16 22.92
C LYS A 53 4.09 -7.46 22.47
N ALA A 54 4.41 -7.83 21.25
CA ALA A 54 3.88 -9.06 20.67
C ALA A 54 4.33 -10.33 21.38
N VAL A 55 5.64 -10.43 21.65
CA VAL A 55 6.27 -11.56 22.35
C VAL A 55 5.66 -11.77 23.76
N ARG A 56 5.51 -10.67 24.52
CA ARG A 56 4.89 -10.71 25.85
C ARG A 56 3.46 -11.23 25.75
N GLY A 57 2.68 -10.58 24.89
CA GLY A 57 1.31 -10.99 24.63
C GLY A 57 1.27 -12.48 24.25
N LEU A 58 2.11 -12.90 23.31
CA LEU A 58 2.16 -14.29 22.88
C LEU A 58 2.63 -15.24 24.01
N ARG A 59 3.56 -14.77 24.82
CA ARG A 59 3.99 -15.65 25.86
C ARG A 59 2.83 -15.97 26.78
N ARG A 60 2.01 -14.94 27.03
CA ARG A 60 0.85 -15.03 27.90
C ARG A 60 -0.22 -15.99 27.40
N ALA A 61 -0.44 -15.95 26.11
CA ALA A 61 -1.38 -16.87 25.52
C ALA A 61 -0.86 -18.32 25.63
N ARG A 62 0.42 -18.47 25.42
CA ARG A 62 1.05 -19.76 25.48
C ARG A 62 0.92 -20.28 26.91
N ALA A 63 1.11 -19.42 27.87
CA ALA A 63 0.97 -19.93 29.20
C ALA A 63 -0.44 -20.51 29.44
N ALA A 64 -1.45 -19.84 28.94
CA ALA A 64 -2.80 -20.33 29.07
C ALA A 64 -3.02 -21.50 28.13
N GLY A 65 -1.98 -22.01 27.46
CA GLY A 65 -2.24 -23.18 26.60
C GLY A 65 -2.29 -23.00 25.08
N VAL A 66 -2.20 -21.78 24.58
CA VAL A 66 -2.22 -21.61 23.12
C VAL A 66 -0.93 -22.09 22.48
N ARG A 67 -1.00 -22.88 21.40
CA ARG A 67 0.21 -23.39 20.77
C ARG A 67 0.39 -22.84 19.37
N THR A 68 -0.70 -22.54 18.70
CA THR A 68 -0.53 -22.00 17.40
C THR A 68 -1.57 -20.88 17.19
N ILE A 69 -1.18 -19.88 16.42
CA ILE A 69 -2.02 -18.78 15.99
C ILE A 69 -1.88 -18.63 14.49
N VAL A 70 -3.01 -18.29 13.86
CA VAL A 70 -3.01 -18.03 12.41
C VAL A 70 -3.06 -16.53 12.24
N ASP A 71 -2.02 -15.92 11.75
CA ASP A 71 -2.08 -14.50 11.55
C ASP A 71 -2.73 -14.31 10.18
N VAL A 72 -3.95 -13.81 10.11
CA VAL A 72 -4.64 -13.65 8.84
C VAL A 72 -4.41 -12.28 8.18
N SER A 73 -3.24 -11.68 8.39
CA SER A 73 -2.91 -10.42 7.76
C SER A 73 -2.36 -10.65 6.36
N THR A 74 -3.01 -10.00 5.37
CA THR A 74 -2.63 -10.09 3.97
C THR A 74 -1.63 -8.99 3.67
N PHE A 75 -1.17 -9.00 2.45
CA PHE A 75 -0.26 -8.04 1.93
C PHE A 75 -0.78 -6.64 2.24
N ASP A 76 -2.08 -6.42 1.98
CA ASP A 76 -2.71 -5.11 2.20
C ASP A 76 -3.02 -4.80 3.66
N ILE A 77 -2.78 -5.77 4.52
CA ILE A 77 -2.97 -5.54 5.94
C ILE A 77 -1.61 -5.16 6.50
N GLY A 78 -0.65 -5.08 5.58
CA GLY A 78 0.71 -4.74 5.93
C GLY A 78 1.51 -5.89 6.58
N ARG A 79 1.18 -7.12 6.24
CA ARG A 79 1.87 -8.28 6.77
C ARG A 79 3.39 -8.18 6.60
N ASP A 80 4.13 -8.40 7.69
CA ASP A 80 5.58 -8.34 7.63
C ASP A 80 6.05 -9.67 8.14
N VAL A 81 6.32 -10.57 7.22
CA VAL A 81 6.69 -11.94 7.57
C VAL A 81 7.96 -12.05 8.39
N SER A 82 8.91 -11.17 8.09
CA SER A 82 10.11 -11.15 8.89
C SER A 82 9.71 -10.92 10.34
N LEU A 83 8.79 -9.97 10.54
CA LEU A 83 8.32 -9.68 11.86
C LEU A 83 7.67 -10.90 12.47
N LEU A 84 6.89 -11.60 11.67
CA LEU A 84 6.24 -12.76 12.18
C LEU A 84 7.27 -13.79 12.63
N ALA A 85 8.23 -14.09 11.77
CA ALA A 85 9.25 -15.06 12.14
C ALA A 85 10.02 -14.75 13.44
N GLU A 86 10.39 -13.52 13.60
CA GLU A 86 11.13 -13.11 14.78
C GLU A 86 10.35 -13.27 16.13
N VAL A 87 9.07 -12.91 16.16
CA VAL A 87 8.29 -13.07 17.39
C VAL A 87 7.91 -14.51 17.60
N SER A 88 7.77 -15.21 16.46
CA SER A 88 7.44 -16.61 16.51
C SER A 88 8.56 -17.33 17.16
N ARG A 89 9.76 -17.01 16.72
CA ARG A 89 10.92 -17.66 17.31
C ARG A 89 11.14 -17.33 18.79
N ALA A 90 10.88 -16.08 19.15
CA ALA A 90 11.10 -15.55 20.49
C ALA A 90 10.07 -16.03 21.50
N ALA A 91 8.81 -16.02 21.11
CA ALA A 91 7.71 -16.45 21.99
C ALA A 91 7.52 -17.96 22.02
N ASP A 92 8.00 -18.61 20.94
CA ASP A 92 7.90 -20.05 20.73
C ASP A 92 6.45 -20.50 20.53
N VAL A 93 5.79 -19.77 19.68
CA VAL A 93 4.44 -20.08 19.36
C VAL A 93 4.40 -20.24 17.86
N HIS A 94 3.74 -21.27 17.36
CA HIS A 94 3.76 -21.35 15.92
C HIS A 94 2.86 -20.24 15.34
N ILE A 95 3.26 -19.74 14.17
CA ILE A 95 2.43 -18.74 13.50
C ILE A 95 2.21 -19.13 12.06
N VAL A 96 0.95 -19.20 11.64
CA VAL A 96 0.61 -19.50 10.27
C VAL A 96 0.37 -18.22 9.50
N ALA A 97 1.09 -18.05 8.39
CA ALA A 97 0.98 -16.84 7.58
C ALA A 97 -0.04 -16.94 6.49
N ALA A 98 -0.53 -15.80 6.00
CA ALA A 98 -1.55 -15.81 4.98
C ALA A 98 -1.25 -15.07 3.74
N THR A 99 -1.96 -15.50 2.71
CA THR A 99 -2.00 -14.88 1.44
C THR A 99 -3.42 -14.30 1.29
N GLY A 100 -3.74 -13.71 0.15
CA GLY A 100 -5.07 -13.13 -0.02
C GLY A 100 -5.03 -11.62 -0.10
N LEU A 101 -6.21 -11.01 -0.07
CA LEU A 101 -6.28 -9.57 -0.14
C LEU A 101 -7.44 -9.18 0.72
N TRP A 102 -7.24 -8.13 1.52
CA TRP A 102 -8.23 -7.60 2.41
C TRP A 102 -8.97 -6.47 1.70
N PHE A 103 -9.50 -5.46 2.40
CA PHE A 103 -10.26 -4.49 1.62
C PHE A 103 -9.58 -3.16 1.34
N ASP A 104 -8.26 -3.17 1.39
CA ASP A 104 -7.56 -1.94 1.11
C ASP A 104 -6.43 -2.13 0.12
N PRO A 105 -6.68 -2.87 -0.96
CA PRO A 105 -5.68 -3.10 -2.00
C PRO A 105 -5.29 -1.83 -2.78
N PRO A 106 -3.99 -1.68 -3.09
CA PRO A 106 -3.44 -0.57 -3.87
C PRO A 106 -3.78 -0.71 -5.34
N LEU A 107 -3.44 0.30 -6.13
CA LEU A 107 -3.72 0.29 -7.54
C LEU A 107 -3.09 -0.87 -8.28
N SER A 108 -1.87 -1.16 -7.91
CA SER A 108 -1.14 -2.20 -8.56
C SER A 108 -1.80 -3.56 -8.49
N MET A 109 -2.77 -3.71 -7.58
CA MET A 109 -3.53 -4.95 -7.44
C MET A 109 -4.91 -4.82 -8.04
N ARG A 110 -5.57 -3.66 -7.82
CA ARG A 110 -6.94 -3.44 -8.27
C ARG A 110 -7.08 -3.59 -9.75
N LEU A 111 -5.95 -3.48 -10.44
CA LEU A 111 -5.98 -3.56 -11.86
C LEU A 111 -5.69 -4.96 -12.33
N ARG A 112 -5.34 -5.87 -11.42
CA ARG A 112 -5.02 -7.20 -11.91
C ARG A 112 -6.25 -8.00 -12.27
N SER A 113 -6.06 -8.99 -13.13
CA SER A 113 -7.14 -9.90 -13.52
C SER A 113 -7.16 -11.11 -12.57
N VAL A 114 -8.21 -11.93 -12.72
CA VAL A 114 -8.37 -13.11 -11.90
C VAL A 114 -7.18 -14.08 -12.05
N GLU A 115 -6.74 -14.24 -13.31
CA GLU A 115 -5.60 -15.09 -13.63
C GLU A 115 -4.33 -14.59 -12.98
N GLU A 116 -4.14 -13.25 -12.97
CA GLU A 116 -2.94 -12.65 -12.35
C GLU A 116 -3.02 -12.73 -10.85
N LEU A 117 -4.20 -12.53 -10.34
CA LEU A 117 -4.27 -12.66 -8.91
C LEU A 117 -4.04 -14.12 -8.50
N THR A 118 -4.50 -15.06 -9.33
CA THR A 118 -4.34 -16.47 -8.98
C THR A 118 -2.86 -16.83 -8.82
N GLN A 119 -2.08 -16.30 -9.76
CA GLN A 119 -0.63 -16.50 -9.79
C GLN A 119 0.02 -15.95 -8.53
N PHE A 120 -0.38 -14.73 -8.15
CA PHE A 120 0.14 -14.05 -6.99
C PHE A 120 -0.08 -14.82 -5.72
N PHE A 121 -1.25 -15.42 -5.58
CA PHE A 121 -1.61 -16.20 -4.41
C PHE A 121 -0.83 -17.51 -4.37
N LEU A 122 -0.66 -18.07 -5.60
CA LEU A 122 0.12 -19.29 -5.75
C LEU A 122 1.59 -19.05 -5.42
N ARG A 123 2.13 -17.96 -5.94
CA ARG A 123 3.52 -17.60 -5.65
C ARG A 123 3.79 -17.70 -4.14
N GLU A 124 2.91 -17.04 -3.36
CA GLU A 124 2.96 -16.95 -1.88
C GLU A 124 2.83 -18.24 -1.10
N ILE A 125 2.01 -19.12 -1.63
CA ILE A 125 1.82 -20.42 -1.03
C ILE A 125 2.91 -21.42 -1.44
N GLN A 126 3.37 -21.39 -2.71
CA GLN A 126 4.37 -22.36 -3.23
C GLN A 126 5.84 -21.94 -3.24
N TYR A 127 6.08 -20.67 -3.55
CA TYR A 127 7.42 -20.15 -3.65
C TYR A 127 7.87 -19.51 -2.37
N GLY A 128 6.96 -18.79 -1.73
CA GLY A 128 7.27 -18.12 -0.47
C GLY A 128 6.93 -16.64 -0.59
N ILE A 129 6.81 -16.01 0.53
CA ILE A 129 6.47 -14.61 0.61
C ILE A 129 7.73 -13.78 0.38
N GLU A 130 7.68 -12.91 -0.62
CA GLU A 130 8.82 -12.10 -0.99
C GLU A 130 9.98 -12.98 -1.38
N ASP A 131 11.10 -12.72 -0.76
CA ASP A 131 12.28 -13.50 -1.05
C ASP A 131 12.68 -14.38 0.13
N THR A 132 11.78 -14.66 1.09
CA THR A 132 12.11 -15.43 2.29
C THR A 132 12.00 -16.94 2.23
N GLY A 133 11.30 -17.45 1.21
CA GLY A 133 11.09 -18.87 1.16
C GLY A 133 10.02 -19.32 2.17
N ILE A 134 9.42 -18.38 2.89
CA ILE A 134 8.38 -18.69 3.88
C ILE A 134 7.04 -18.82 3.18
N ARG A 135 6.39 -19.97 3.36
CA ARG A 135 5.13 -20.20 2.70
C ARG A 135 3.84 -19.97 3.48
N ALA A 136 2.87 -19.35 2.80
CA ALA A 136 1.56 -19.06 3.38
C ALA A 136 0.77 -20.35 3.59
N GLY A 137 0.08 -20.49 4.73
CA GLY A 137 -0.72 -21.68 4.98
C GLY A 137 -2.23 -21.41 4.95
N ILE A 138 -2.67 -20.25 4.44
CA ILE A 138 -4.10 -19.95 4.39
C ILE A 138 -4.36 -18.76 3.49
N ILE A 139 -5.54 -18.69 2.88
CA ILE A 139 -5.83 -17.56 2.00
C ILE A 139 -6.87 -16.66 2.66
N KCX A 140 -6.64 -15.35 2.80
CA KCX A 140 -7.66 -14.51 3.43
CB KCX A 140 -7.07 -13.67 4.57
CG KCX A 140 -7.90 -12.45 4.92
CD KCX A 140 -8.91 -12.69 6.03
CE KCX A 140 -9.59 -11.40 6.46
NZ KCX A 140 -8.96 -10.80 7.64
C KCX A 140 -8.34 -13.60 2.43
O KCX A 140 -7.65 -12.95 1.67
CX KCX A 140 -9.69 -9.98 8.60
OQ1 KCX A 140 -8.86 -9.50 9.49
OQ2 KCX A 140 -10.92 -9.81 8.56
N VAL A 141 -9.67 -13.56 2.42
CA VAL A 141 -10.40 -12.65 1.55
C VAL A 141 -11.46 -11.88 2.30
N ALA A 142 -12.04 -10.86 1.67
CA ALA A 142 -13.09 -10.11 2.37
C ALA A 142 -14.08 -9.34 1.48
N THR A 143 -15.25 -9.03 2.07
CA THR A 143 -16.30 -8.20 1.47
C THR A 143 -16.85 -7.34 2.60
N THR A 144 -17.41 -6.17 2.28
CA THR A 144 -17.98 -5.21 3.27
C THR A 144 -19.43 -4.92 2.96
N GLY A 145 -20.24 -5.98 2.93
CA GLY A 145 -21.60 -5.84 2.51
C GLY A 145 -21.61 -6.33 1.06
N LYS A 146 -22.55 -5.86 0.23
CA LYS A 146 -22.58 -6.32 -1.16
C LYS A 146 -21.22 -6.28 -1.87
N ALA A 147 -20.73 -7.42 -2.38
CA ALA A 147 -19.44 -7.50 -3.07
C ALA A 147 -19.21 -6.53 -4.26
N THR A 148 -17.95 -6.09 -4.42
CA THR A 148 -17.59 -5.23 -5.54
C THR A 148 -17.10 -6.13 -6.67
N PRO A 149 -17.04 -5.56 -7.84
CA PRO A 149 -16.54 -6.34 -8.92
C PRO A 149 -15.16 -6.88 -8.63
N PHE A 150 -14.31 -6.03 -8.11
CA PHE A 150 -12.97 -6.45 -7.77
C PHE A 150 -13.03 -7.55 -6.73
N GLN A 151 -13.85 -7.35 -5.70
CA GLN A 151 -13.98 -8.34 -4.67
C GLN A 151 -14.35 -9.68 -5.22
N GLU A 152 -15.24 -9.65 -6.19
CA GLU A 152 -15.66 -10.84 -6.88
C GLU A 152 -14.51 -11.61 -7.45
N LEU A 153 -13.61 -10.87 -8.09
CA LEU A 153 -12.45 -11.48 -8.68
C LEU A 153 -11.60 -12.14 -7.60
N VAL A 154 -11.43 -11.43 -6.50
CA VAL A 154 -10.63 -11.93 -5.40
C VAL A 154 -11.08 -13.27 -4.92
N LEU A 155 -12.39 -13.34 -4.68
CA LEU A 155 -12.97 -14.58 -4.21
C LEU A 155 -12.65 -15.73 -5.19
N LYS A 156 -12.85 -15.46 -6.50
CA LYS A 156 -12.56 -16.48 -7.53
C LYS A 156 -11.12 -16.97 -7.53
N ALA A 157 -10.17 -16.03 -7.47
CA ALA A 157 -8.78 -16.40 -7.41
C ALA A 157 -8.47 -17.16 -6.13
N ALA A 158 -9.13 -16.79 -5.03
CA ALA A 158 -8.87 -17.50 -3.79
C ALA A 158 -9.32 -18.94 -3.95
N ALA A 159 -10.44 -19.07 -4.62
CA ALA A 159 -10.91 -20.41 -4.81
C ALA A 159 -9.96 -21.21 -5.69
N ARG A 160 -9.51 -20.61 -6.77
CA ARG A 160 -8.61 -21.36 -7.64
C ARG A 160 -7.32 -21.75 -6.95
N ALA A 161 -6.75 -20.83 -6.23
CA ALA A 161 -5.53 -21.24 -5.59
C ALA A 161 -5.76 -22.37 -4.60
N SER A 162 -6.91 -22.35 -3.95
CA SER A 162 -7.15 -23.34 -2.91
C SER A 162 -7.31 -24.73 -3.47
N LEU A 163 -8.05 -24.80 -4.58
CA LEU A 163 -8.33 -26.04 -5.33
C LEU A 163 -7.02 -26.74 -5.75
N ALA A 164 -6.05 -25.92 -6.26
CA ALA A 164 -4.70 -26.29 -6.69
C ALA A 164 -3.70 -26.64 -5.57
N THR A 165 -3.88 -26.08 -4.36
CA THR A 165 -2.96 -26.30 -3.25
C THR A 165 -3.48 -27.06 -2.06
N GLY A 166 -4.81 -27.02 -1.83
CA GLY A 166 -5.43 -27.70 -0.72
C GLY A 166 -5.47 -26.87 0.55
N VAL A 167 -4.90 -25.68 0.42
CA VAL A 167 -4.91 -24.71 1.49
C VAL A 167 -6.28 -24.07 1.64
N PRO A 168 -6.75 -23.86 2.87
CA PRO A 168 -8.09 -23.31 3.12
C PRO A 168 -8.26 -21.81 2.96
N VAL A 169 -9.54 -21.44 2.95
CA VAL A 169 -9.94 -20.06 2.79
C VAL A 169 -10.66 -19.53 4.00
N THR A 170 -10.35 -18.29 4.41
CA THR A 170 -11.00 -17.63 5.59
C THR A 170 -11.48 -16.26 5.17
N THR A 171 -12.67 -15.81 5.61
CA THR A 171 -13.17 -14.53 5.14
C THR A 171 -13.56 -13.56 6.22
N HIS A 172 -13.59 -12.29 5.82
CA HIS A 172 -14.04 -11.17 6.64
C HIS A 172 -15.42 -10.80 6.04
N THR A 173 -16.45 -10.69 6.89
CA THR A 173 -17.80 -10.35 6.46
C THR A 173 -18.39 -9.22 7.27
N ALA A 174 -19.47 -8.67 6.73
CA ALA A 174 -20.32 -7.70 7.40
C ALA A 174 -21.51 -8.58 7.78
N ALA A 175 -21.34 -9.35 8.87
CA ALA A 175 -22.30 -10.34 9.35
C ALA A 175 -23.72 -9.83 9.30
N SER A 176 -23.86 -8.58 9.71
CA SER A 176 -25.15 -7.91 9.72
C SER A 176 -25.88 -7.99 8.37
N GLN A 177 -25.12 -7.85 7.29
CA GLN A 177 -25.69 -7.90 5.97
C GLN A 177 -25.70 -9.25 5.34
N ARG A 178 -25.41 -10.26 6.15
CA ARG A 178 -25.43 -11.60 5.60
C ARG A 178 -24.45 -11.86 4.47
N ASP A 179 -23.31 -11.21 4.49
CA ASP A 179 -22.31 -11.41 3.46
C ASP A 179 -22.04 -12.88 3.19
N GLY A 180 -21.98 -13.67 4.24
CA GLY A 180 -21.66 -15.07 4.08
C GLY A 180 -22.37 -15.75 2.92
N GLU A 181 -23.64 -15.41 2.71
CA GLU A 181 -24.45 -16.01 1.64
C GLU A 181 -23.86 -15.77 0.26
N GLN A 182 -23.51 -14.49 -0.02
CA GLN A 182 -22.90 -14.18 -1.29
C GLN A 182 -21.54 -14.86 -1.41
N GLN A 183 -20.73 -14.88 -0.34
CA GLN A 183 -19.44 -15.56 -0.48
C GLN A 183 -19.58 -17.05 -0.79
N ALA A 184 -20.52 -17.72 -0.12
CA ALA A 184 -20.70 -19.14 -0.39
C ALA A 184 -21.04 -19.36 -1.87
N ALA A 185 -21.82 -18.45 -2.37
CA ALA A 185 -22.27 -18.54 -3.72
C ALA A 185 -21.12 -18.59 -4.69
N ILE A 186 -20.24 -17.62 -4.54
CA ILE A 186 -19.11 -17.57 -5.47
C ILE A 186 -18.18 -18.73 -5.40
N PHE A 187 -17.87 -19.12 -4.19
CA PHE A 187 -16.96 -20.21 -3.96
C PHE A 187 -17.50 -21.48 -4.59
N GLU A 188 -18.79 -21.75 -4.37
CA GLU A 188 -19.36 -22.98 -4.94
C GLU A 188 -19.36 -22.96 -6.48
N SER A 189 -19.59 -21.78 -7.05
CA SER A 189 -19.61 -21.53 -8.48
C SER A 189 -18.25 -21.85 -9.07
N GLU A 190 -17.25 -21.96 -8.15
CA GLU A 190 -15.87 -22.28 -8.52
C GLU A 190 -15.57 -23.75 -8.19
N GLY A 191 -16.51 -24.42 -7.53
CA GLY A 191 -16.29 -25.83 -7.23
C GLY A 191 -15.63 -26.09 -5.89
N LEU A 192 -15.36 -25.02 -5.14
CA LEU A 192 -14.71 -25.18 -3.84
C LEU A 192 -15.66 -25.79 -2.80
N SER A 193 -15.16 -26.72 -2.01
CA SER A 193 -15.96 -27.37 -0.99
C SER A 193 -16.12 -26.48 0.24
N PRO A 194 -17.37 -26.34 0.72
CA PRO A 194 -17.60 -25.52 1.87
C PRO A 194 -16.72 -25.92 3.00
N SER A 195 -16.27 -27.16 3.00
CA SER A 195 -15.46 -27.57 4.13
C SER A 195 -14.08 -26.97 4.10
N ARG A 196 -13.78 -26.18 3.09
CA ARG A 196 -12.44 -25.59 3.01
C ARG A 196 -12.50 -24.12 3.29
N VAL A 197 -13.70 -23.66 3.65
CA VAL A 197 -13.93 -22.25 3.90
C VAL A 197 -14.56 -21.98 5.23
N CYS A 198 -14.02 -20.97 5.85
CA CYS A 198 -14.47 -20.40 7.11
C CYS A 198 -15.04 -18.98 6.87
N ILE A 199 -16.30 -18.80 7.25
CA ILE A 199 -17.03 -17.54 7.17
C ILE A 199 -16.97 -16.83 8.51
N GLY A 200 -16.10 -15.82 8.58
CA GLY A 200 -15.73 -15.10 9.78
C GLY A 200 -16.52 -13.88 10.12
N HIS A 201 -16.16 -13.31 11.31
CA HIS A 201 -16.84 -12.17 11.89
C HIS A 201 -18.33 -12.57 12.11
N SER A 202 -18.57 -13.86 12.26
CA SER A 202 -19.94 -14.31 12.39
C SER A 202 -20.60 -13.97 13.70
N ASP A 203 -19.82 -13.85 14.76
CA ASP A 203 -20.38 -13.55 16.07
C ASP A 203 -20.89 -12.13 16.09
N ASP A 204 -20.70 -11.43 15.00
CA ASP A 204 -21.12 -10.02 14.90
C ASP A 204 -22.59 -9.84 14.60
N THR A 205 -23.31 -10.95 14.49
CA THR A 205 -24.74 -10.92 14.25
C THR A 205 -25.44 -11.82 15.26
N ASP A 206 -26.69 -11.46 15.56
CA ASP A 206 -27.47 -12.26 16.50
C ASP A 206 -28.39 -13.24 15.82
N ASP A 207 -28.49 -13.06 14.49
CA ASP A 207 -29.34 -13.87 13.62
C ASP A 207 -29.03 -15.36 13.64
N LEU A 208 -29.57 -16.07 14.59
CA LEU A 208 -29.18 -17.44 14.53
C LEU A 208 -29.64 -18.07 13.24
N SER A 209 -30.65 -17.49 12.62
CA SER A 209 -31.10 -18.15 11.41
C SER A 209 -30.09 -18.22 10.28
N TYR A 210 -29.30 -17.15 10.18
CA TYR A 210 -28.29 -17.03 9.17
C TYR A 210 -27.19 -18.08 9.41
N LEU A 211 -26.72 -18.13 10.65
CA LEU A 211 -25.68 -19.05 11.02
C LEU A 211 -25.93 -20.52 10.74
N THR A 212 -27.07 -20.99 11.14
CA THR A 212 -27.34 -22.39 10.95
C THR A 212 -27.52 -22.74 9.49
N ALA A 213 -27.93 -21.75 8.76
CA ALA A 213 -28.12 -21.97 7.34
C ALA A 213 -26.77 -22.28 6.70
N LEU A 214 -25.77 -21.53 7.09
CA LEU A 214 -24.45 -21.76 6.59
C LEU A 214 -23.88 -23.03 7.20
N ALA A 215 -24.09 -23.18 8.51
CA ALA A 215 -23.53 -24.36 9.14
C ALA A 215 -23.98 -25.59 8.46
N ALA A 216 -25.28 -25.56 8.17
CA ALA A 216 -25.94 -26.69 7.58
C ALA A 216 -25.39 -27.10 6.23
N ARG A 217 -24.79 -26.16 5.50
CA ARG A 217 -24.22 -26.41 4.20
C ARG A 217 -22.82 -26.95 4.20
N GLY A 218 -22.22 -27.00 5.40
CA GLY A 218 -20.88 -27.54 5.54
C GLY A 218 -19.78 -26.50 5.73
N TYR A 219 -20.16 -25.22 5.83
CA TYR A 219 -19.17 -24.18 6.06
C TYR A 219 -18.74 -24.17 7.49
N LEU A 220 -17.62 -23.49 7.72
CA LEU A 220 -17.13 -23.26 9.06
C LEU A 220 -17.57 -21.85 9.44
N ILE A 221 -17.99 -21.69 10.69
CA ILE A 221 -18.46 -20.39 11.16
C ILE A 221 -17.45 -19.80 12.11
N GLY A 222 -16.91 -18.62 11.74
CA GLY A 222 -15.91 -18.04 12.61
C GLY A 222 -16.51 -17.12 13.66
N LEU A 223 -16.35 -17.51 14.92
CA LEU A 223 -16.82 -16.70 16.04
C LEU A 223 -15.56 -16.13 16.64
N ASP A 224 -15.06 -15.09 15.98
CA ASP A 224 -13.74 -14.57 16.24
C ASP A 224 -13.50 -13.23 16.89
N GLY A 225 -14.56 -12.52 17.31
CA GLY A 225 -14.38 -11.22 17.93
C GLY A 225 -14.98 -11.21 19.35
N ILE A 226 -14.87 -12.34 20.02
CA ILE A 226 -15.43 -12.49 21.33
C ILE A 226 -15.34 -11.32 22.28
N PRO A 227 -14.14 -10.85 22.53
CA PRO A 227 -13.94 -9.75 23.46
C PRO A 227 -14.28 -8.36 22.94
N TRP A 228 -14.67 -8.26 21.67
CA TRP A 228 -14.99 -6.96 21.09
C TRP A 228 -16.28 -6.45 21.70
N SER A 229 -16.17 -5.32 22.42
CA SER A 229 -17.30 -4.70 23.10
C SER A 229 -16.99 -3.28 23.58
N ALA A 230 -17.87 -2.31 23.22
CA ALA A 230 -17.70 -0.90 23.63
C ALA A 230 -18.59 -0.57 24.81
N ILE A 231 -19.14 -1.62 25.40
CA ILE A 231 -19.99 -1.41 26.54
C ILE A 231 -19.23 -0.62 27.62
N GLY A 232 -19.83 0.47 28.10
CA GLY A 232 -19.15 1.29 29.09
C GLY A 232 -18.30 2.37 28.43
N LEU A 233 -17.93 2.11 27.16
CA LEU A 233 -17.13 2.98 26.31
C LEU A 233 -18.03 3.67 25.30
N GLU A 234 -19.28 3.80 25.67
CA GLU A 234 -20.27 4.42 24.83
C GLU A 234 -19.97 5.91 24.63
N ASP A 235 -19.02 6.38 25.44
CA ASP A 235 -18.53 7.74 25.43
C ASP A 235 -17.89 8.00 24.08
N ASN A 236 -17.04 7.04 23.67
CA ASN A 236 -16.28 7.06 22.43
C ASN A 236 -17.08 6.62 21.21
N ALA A 237 -17.31 7.53 20.28
CA ALA A 237 -18.06 7.20 19.09
C ALA A 237 -17.32 6.22 18.18
N SER A 238 -16.00 6.42 18.08
CA SER A 238 -15.11 5.62 17.28
C SER A 238 -15.01 4.17 17.78
N ALA A 239 -14.80 4.03 19.09
CA ALA A 239 -14.69 2.72 19.73
C ALA A 239 -16.00 1.96 19.63
N SER A 240 -17.07 2.72 19.79
CA SER A 240 -18.36 2.10 19.71
C SER A 240 -18.64 1.60 18.33
N ALA A 241 -18.19 2.35 17.32
CA ALA A 241 -18.41 1.99 15.93
C ALA A 241 -17.68 0.73 15.56
N LEU A 242 -16.52 0.54 16.19
CA LEU A 242 -15.69 -0.61 15.90
C LEU A 242 -16.07 -1.84 16.72
N LEU A 243 -16.13 -1.62 18.02
CA LEU A 243 -16.39 -2.65 18.98
C LEU A 243 -17.80 -3.18 19.05
N GLY A 244 -18.78 -2.29 18.82
CA GLY A 244 -20.17 -2.70 18.92
C GLY A 244 -20.62 -2.53 20.39
N ILE A 245 -21.88 -2.79 20.67
CA ILE A 245 -22.38 -2.62 22.03
C ILE A 245 -22.97 -3.86 22.60
N ARG A 246 -22.70 -4.98 22.01
CA ARG A 246 -23.20 -6.22 22.55
C ARG A 246 -22.12 -6.73 23.46
N SER A 247 -22.48 -7.37 24.55
CA SER A 247 -21.45 -7.82 25.47
C SER A 247 -20.72 -9.09 25.05
N TRP A 248 -19.59 -9.36 25.67
CA TRP A 248 -18.92 -10.58 25.26
C TRP A 248 -19.73 -11.79 25.60
N GLN A 249 -20.57 -11.70 26.63
CA GLN A 249 -21.35 -12.86 26.95
C GLN A 249 -22.27 -13.22 25.80
N THR A 250 -22.92 -12.19 25.28
CA THR A 250 -23.84 -12.29 24.14
C THR A 250 -23.12 -13.02 23.00
N ARG A 251 -21.91 -12.55 22.67
CA ARG A 251 -21.18 -13.22 21.62
C ARG A 251 -20.85 -14.68 21.95
N ALA A 252 -20.35 -14.94 23.18
CA ALA A 252 -19.99 -16.32 23.58
C ALA A 252 -21.16 -17.31 23.55
N LEU A 253 -22.35 -16.77 23.81
CA LEU A 253 -23.52 -17.62 23.81
C LEU A 253 -23.86 -18.25 22.47
N LEU A 254 -23.48 -17.57 21.39
CA LEU A 254 -23.68 -18.05 20.02
C LEU A 254 -22.97 -19.39 19.92
N ILE A 255 -21.77 -19.42 20.49
CA ILE A 255 -21.04 -20.65 20.51
C ILE A 255 -21.91 -21.75 21.07
N LYS A 256 -22.47 -21.53 22.25
CA LYS A 256 -23.34 -22.55 22.76
C LYS A 256 -24.58 -22.79 21.87
N ALA A 257 -25.17 -21.74 21.36
CA ALA A 257 -26.30 -22.01 20.51
C ALA A 257 -26.01 -23.02 19.41
N LEU A 258 -24.91 -22.81 18.67
CA LEU A 258 -24.56 -23.70 17.57
C LEU A 258 -24.25 -25.10 17.99
N ILE A 259 -23.66 -25.22 19.17
CA ILE A 259 -23.32 -26.55 19.63
C ILE A 259 -24.61 -27.27 19.83
N ASP A 260 -25.48 -26.54 20.50
CA ASP A 260 -26.79 -27.08 20.78
C ASP A 260 -27.48 -27.63 19.54
N GLN A 261 -27.55 -26.86 18.48
CA GLN A 261 -28.17 -27.40 17.27
C GLN A 261 -27.39 -28.55 16.67
N GLY A 262 -26.22 -28.87 17.26
CA GLY A 262 -25.40 -29.95 16.75
C GLY A 262 -24.32 -29.54 15.74
N TYR A 263 -23.72 -28.37 15.88
CA TYR A 263 -22.70 -28.05 14.90
C TYR A 263 -21.36 -27.85 15.51
N MET A 264 -21.05 -28.62 16.49
CA MET A 264 -19.79 -28.41 17.12
C MET A 264 -18.54 -28.54 16.24
N LYS A 265 -18.66 -29.32 15.16
CA LYS A 265 -17.55 -29.57 14.24
C LYS A 265 -17.28 -28.49 13.24
N GLN A 266 -18.16 -27.52 13.18
CA GLN A 266 -18.01 -26.40 12.24
C GLN A 266 -17.75 -25.07 12.95
N ILE A 267 -17.38 -25.15 14.21
CA ILE A 267 -17.14 -23.93 14.94
C ILE A 267 -15.66 -23.68 15.05
N LEU A 268 -15.29 -22.42 14.79
CA LEU A 268 -13.90 -21.98 14.96
C LEU A 268 -13.96 -20.74 15.81
N VAL A 269 -13.22 -20.71 16.91
CA VAL A 269 -13.31 -19.49 17.75
C VAL A 269 -11.99 -18.71 17.85
N SER A 270 -12.04 -17.38 17.96
CA SER A 270 -10.81 -16.57 18.06
C SER A 270 -11.08 -15.24 18.70
N ASN A 271 -10.04 -14.44 18.94
CA ASN A 271 -10.20 -13.12 19.53
C ASN A 271 -10.14 -12.00 18.50
N ASP A 272 -9.40 -12.19 17.36
CA ASP A 272 -9.23 -11.12 16.40
C ASP A 272 -8.52 -9.96 17.09
N TRP A 273 -7.53 -10.30 17.89
CA TRP A 273 -6.74 -9.32 18.63
C TRP A 273 -5.55 -8.85 17.77
N THR A 274 -4.79 -7.86 18.26
CA THR A 274 -3.65 -7.31 17.56
C THR A 274 -2.70 -6.59 18.51
N PHE A 275 -1.44 -6.43 18.14
CA PHE A 275 -0.62 -5.70 19.10
C PHE A 275 -0.37 -4.28 18.61
N GLY A 276 -0.67 -4.04 17.35
CA GLY A 276 -0.48 -2.73 16.77
C GLY A 276 -1.64 -2.48 15.86
N PHE A 277 -1.96 -1.23 15.61
CA PHE A 277 -3.12 -0.98 14.79
C PHE A 277 -3.07 0.39 14.13
N SER A 278 -2.53 0.48 12.91
CA SER A 278 -2.40 1.77 12.22
C SER A 278 -3.55 2.08 11.27
N SER A 279 -4.28 1.06 10.91
CA SER A 279 -5.36 1.31 9.99
C SER A 279 -6.62 1.83 10.71
N TYR A 280 -6.46 2.57 11.80
CA TYR A 280 -7.67 3.08 12.47
C TYR A 280 -7.41 4.41 13.16
N VAL A 281 -8.34 4.90 14.00
CA VAL A 281 -8.08 6.16 14.70
C VAL A 281 -6.81 6.07 15.57
N THR A 282 -6.17 7.18 15.80
CA THR A 282 -4.99 7.08 16.61
C THR A 282 -5.35 6.78 18.05
N ASN A 283 -4.65 5.81 18.58
CA ASN A 283 -4.82 5.39 19.97
C ASN A 283 -5.99 4.46 20.24
N ILE A 284 -6.52 3.84 19.17
CA ILE A 284 -7.60 2.91 19.35
C ILE A 284 -7.12 1.70 20.13
N MET A 285 -5.82 1.41 20.01
CA MET A 285 -5.23 0.28 20.69
C MET A 285 -5.33 0.47 22.18
N ASP A 286 -4.94 1.66 22.60
CA ASP A 286 -5.00 1.98 24.01
C ASP A 286 -6.36 1.66 24.61
N VAL A 287 -7.40 2.04 23.86
CA VAL A 287 -8.77 1.79 24.21
C VAL A 287 -9.06 0.30 24.28
N MET A 288 -8.54 -0.40 23.30
CA MET A 288 -8.71 -1.82 23.16
C MET A 288 -8.03 -2.50 24.29
N ASP A 289 -6.77 -2.16 24.52
CA ASP A 289 -6.11 -2.84 25.62
C ASP A 289 -6.78 -2.63 26.99
N ARG A 290 -7.61 -1.60 27.07
CA ARG A 290 -8.32 -1.27 28.27
C ARG A 290 -9.51 -2.19 28.42
N VAL A 291 -10.20 -2.41 27.31
CA VAL A 291 -11.35 -3.26 27.28
C VAL A 291 -10.94 -4.72 27.47
N ASN A 292 -9.75 -5.13 26.97
CA ASN A 292 -9.31 -6.52 27.08
C ASN A 292 -7.82 -6.77 27.31
N PRO A 293 -7.47 -6.56 28.55
CA PRO A 293 -6.13 -6.73 29.09
C PRO A 293 -5.60 -8.13 28.88
N ASP A 294 -6.51 -9.07 28.70
CA ASP A 294 -6.10 -10.43 28.50
C ASP A 294 -5.58 -10.71 27.12
N GLY A 295 -5.85 -9.80 26.19
CA GLY A 295 -5.38 -10.02 24.84
C GLY A 295 -5.82 -11.36 24.25
N MET A 296 -4.89 -12.00 23.59
CA MET A 296 -5.17 -13.27 22.96
C MET A 296 -5.55 -14.39 23.91
N ALA A 297 -5.28 -14.20 25.19
CA ALA A 297 -5.56 -15.22 26.21
C ALA A 297 -6.99 -15.22 26.68
N PHE A 298 -7.68 -14.27 26.20
CA PHE A 298 -9.03 -14.11 26.56
C PHE A 298 -9.91 -15.37 26.41
N ILE A 299 -9.80 -16.04 25.25
CA ILE A 299 -10.56 -17.23 24.98
C ILE A 299 -10.39 -18.34 26.02
N PRO A 300 -9.17 -18.78 26.24
CA PRO A 300 -8.95 -19.86 27.20
C PRO A 300 -9.26 -19.47 28.63
N LEU A 301 -8.92 -18.25 28.97
CA LEU A 301 -9.08 -17.77 30.31
C LEU A 301 -10.51 -17.47 30.64
N ARG A 302 -11.16 -16.75 29.74
CA ARG A 302 -12.51 -16.31 30.02
C ARG A 302 -13.71 -16.98 29.36
N VAL A 303 -13.61 -17.28 28.07
CA VAL A 303 -14.72 -17.86 27.31
C VAL A 303 -14.92 -19.32 27.61
N ILE A 304 -13.81 -20.03 27.77
CA ILE A 304 -13.86 -21.46 28.00
C ILE A 304 -14.57 -21.83 29.29
N PRO A 305 -14.14 -21.27 30.42
CA PRO A 305 -14.75 -21.60 31.70
C PRO A 305 -16.18 -21.19 31.75
N PHE A 306 -16.43 -20.06 31.14
CA PHE A 306 -17.76 -19.53 31.07
C PHE A 306 -18.70 -20.45 30.32
N LEU A 307 -18.20 -20.99 29.22
CA LEU A 307 -19.03 -21.89 28.45
C LEU A 307 -19.23 -23.19 29.22
N ARG A 308 -18.23 -23.53 30.05
CA ARG A 308 -18.27 -24.72 30.89
C ARG A 308 -19.36 -24.51 31.94
N GLU A 309 -19.24 -23.39 32.63
CA GLU A 309 -20.24 -23.07 33.63
C GLU A 309 -21.66 -23.00 33.04
N LYS A 310 -21.82 -23.19 31.74
CA LYS A 310 -23.14 -23.15 31.18
C LYS A 310 -23.61 -24.46 30.60
N GLY A 311 -22.95 -25.55 30.98
CA GLY A 311 -23.45 -26.80 30.46
C GLY A 311 -22.65 -27.44 29.35
N VAL A 312 -21.60 -26.78 28.87
CA VAL A 312 -20.83 -27.38 27.81
C VAL A 312 -19.72 -28.26 28.34
N PRO A 313 -19.71 -29.49 27.87
CA PRO A 313 -18.73 -30.46 28.31
C PRO A 313 -17.34 -30.11 27.81
N GLN A 314 -16.36 -30.19 28.73
CA GLN A 314 -14.98 -29.89 28.40
C GLN A 314 -14.50 -30.51 27.07
N GLU A 315 -14.75 -31.79 26.93
CA GLU A 315 -14.36 -32.55 25.78
C GLU A 315 -14.80 -31.89 24.48
N THR A 316 -15.95 -31.23 24.55
CA THR A 316 -16.51 -30.58 23.39
C THR A 316 -15.72 -29.35 23.07
N LEU A 317 -15.25 -28.75 24.16
CA LEU A 317 -14.44 -27.56 24.14
C LEU A 317 -13.07 -27.91 23.55
N ALA A 318 -12.59 -29.09 23.90
CA ALA A 318 -11.34 -29.46 23.35
C ALA A 318 -11.44 -29.71 21.83
N GLY A 319 -12.58 -30.21 21.38
CA GLY A 319 -12.69 -30.47 19.91
C GLY A 319 -12.80 -29.20 19.08
N ILE A 320 -13.35 -28.13 19.68
CA ILE A 320 -13.48 -26.90 18.96
C ILE A 320 -12.15 -26.17 18.84
N THR A 321 -11.30 -26.34 19.86
CA THR A 321 -10.02 -25.64 19.86
C THR A 321 -8.80 -26.38 19.31
N VAL A 322 -8.89 -27.69 19.26
CA VAL A 322 -7.79 -28.51 18.81
C VAL A 322 -8.17 -29.24 17.55
N THR A 323 -9.20 -30.04 17.71
CA THR A 323 -9.66 -30.82 16.57
C THR A 323 -10.14 -29.99 15.36
N ASN A 324 -11.11 -29.08 15.48
CA ASN A 324 -11.55 -28.33 14.31
C ASN A 324 -10.42 -27.66 13.51
N PRO A 325 -9.59 -26.90 14.21
CA PRO A 325 -8.48 -26.20 13.59
C PRO A 325 -7.57 -27.08 12.72
N ALA A 326 -7.13 -28.20 13.30
CA ALA A 326 -6.27 -29.18 12.61
C ALA A 326 -6.86 -29.69 11.31
N ARG A 327 -8.09 -30.09 11.40
CA ARG A 327 -8.81 -30.58 10.26
C ARG A 327 -8.89 -29.50 9.19
N PHE A 328 -9.20 -28.27 9.63
CA PHE A 328 -9.32 -27.16 8.69
C PHE A 328 -7.98 -26.84 8.03
N LEU A 329 -7.01 -26.55 8.86
CA LEU A 329 -5.71 -26.22 8.34
C LEU A 329 -4.97 -27.26 7.50
N SER A 330 -5.16 -28.56 7.73
CA SER A 330 -4.36 -29.48 6.93
C SER A 330 -4.70 -29.34 5.46
N PRO A 331 -3.68 -29.19 4.60
CA PRO A 331 -3.85 -29.03 3.17
C PRO A 331 -4.53 -30.26 2.62
N THR A 332 -5.65 -29.99 1.98
CA THR A 332 -6.47 -31.05 1.46
C THR A 332 -6.96 -30.85 0.04
N LEU A 333 -6.55 -31.80 -0.77
CA LEU A 333 -6.90 -31.78 -2.18
C LEU A 333 -8.19 -32.50 -2.46
N ARG A 334 -8.95 -31.91 -3.36
CA ARG A 334 -10.24 -32.44 -3.76
C ARG A 334 -10.17 -33.79 -4.48
N ALA A 335 -11.10 -34.70 -4.13
CA ALA A 335 -11.15 -36.03 -4.74
C ALA A 335 -11.56 -35.98 -6.22
N ASP B 6 22.79 25.01 0.04
CA ASP B 6 24.00 24.89 -0.76
C ASP B 6 24.27 23.47 -1.34
N ARG B 7 23.78 22.43 -0.63
CA ARG B 7 23.98 21.06 -1.04
C ARG B 7 22.68 20.31 -1.24
N ILE B 8 22.61 19.58 -2.33
CA ILE B 8 21.41 18.81 -2.59
C ILE B 8 21.53 17.34 -2.25
N ASN B 9 20.48 16.78 -1.65
CA ASN B 9 20.40 15.39 -1.21
C ASN B 9 20.06 14.44 -2.33
N THR B 10 20.97 13.48 -2.55
CA THR B 10 20.79 12.47 -3.56
C THR B 10 20.78 11.07 -2.95
N VAL B 11 20.43 10.06 -3.73
CA VAL B 11 20.46 8.72 -3.12
C VAL B 11 21.89 8.27 -2.83
N ARG B 12 22.92 9.02 -3.29
CA ARG B 12 24.30 8.60 -3.02
C ARG B 12 24.92 9.55 -2.03
N GLY B 13 24.14 10.52 -1.57
CA GLY B 13 24.73 11.48 -0.66
C GLY B 13 24.55 12.89 -1.17
N PRO B 14 25.11 13.87 -0.42
CA PRO B 14 24.97 15.25 -0.83
C PRO B 14 25.85 15.57 -2.02
N ILE B 15 25.35 16.49 -2.84
CA ILE B 15 26.07 17.03 -3.96
C ILE B 15 25.97 18.53 -3.91
N THR B 16 27.00 19.18 -4.45
CA THR B 16 27.04 20.62 -4.52
C THR B 16 26.21 21.00 -5.71
N ILE B 17 25.65 22.21 -5.68
CA ILE B 17 24.81 22.72 -6.76
C ILE B 17 25.44 22.63 -8.14
N SER B 18 26.74 22.88 -8.20
CA SER B 18 27.46 22.84 -9.45
C SER B 18 27.57 21.46 -10.06
N GLU B 19 27.47 20.41 -9.25
CA GLU B 19 27.56 19.06 -9.79
C GLU B 19 26.23 18.59 -10.36
N ALA B 20 25.15 19.34 -10.10
CA ALA B 20 23.88 18.86 -10.61
C ALA B 20 23.80 18.79 -12.12
N GLY B 21 24.28 19.83 -12.78
CA GLY B 21 24.28 19.88 -14.22
C GLY B 21 22.92 19.59 -14.81
N PHE B 22 22.94 19.19 -16.05
CA PHE B 22 21.70 18.88 -16.70
C PHE B 22 20.76 18.00 -15.81
N THR B 23 19.67 18.61 -15.33
CA THR B 23 18.69 17.96 -14.45
C THR B 23 17.31 17.77 -15.06
N LEU B 24 16.75 16.54 -14.99
CA LEU B 24 15.39 16.16 -15.43
C LEU B 24 14.61 16.15 -14.14
N THR B 25 13.64 17.08 -13.96
CA THR B 25 12.89 17.24 -12.70
C THR B 25 11.65 16.44 -12.38
N HIS B 26 11.17 15.66 -13.31
CA HIS B 26 10.01 14.86 -13.02
C HIS B 26 10.13 13.51 -13.76
N GLU B 27 10.61 12.51 -13.05
CA GLU B 27 10.76 11.21 -13.64
C GLU B 27 10.44 10.14 -12.61
N HIS B 28 10.56 8.87 -13.01
CA HIS B 28 10.38 7.73 -12.13
C HIS B 28 11.22 6.53 -12.58
N ILE B 29 11.83 5.78 -11.62
CA ILE B 29 12.56 4.58 -12.03
C ILE B 29 11.53 3.50 -12.23
N CYS B 30 10.57 3.46 -11.33
CA CYS B 30 9.49 2.51 -11.41
C CYS B 30 8.18 3.10 -10.87
N GLY B 31 7.06 2.89 -11.56
CA GLY B 31 5.76 3.40 -11.13
C GLY B 31 4.89 2.23 -10.68
N SER B 32 4.85 2.06 -9.34
CA SER B 32 4.15 0.96 -8.72
C SER B 32 3.26 1.32 -7.50
N SER B 33 3.26 0.46 -6.50
CA SER B 33 2.48 0.64 -5.29
C SER B 33 3.38 0.24 -4.11
N ALA B 34 3.10 0.73 -2.86
CA ALA B 34 3.90 0.40 -1.66
C ALA B 34 3.96 -1.10 -1.41
N GLY B 35 5.17 -1.61 -1.24
CA GLY B 35 5.42 -3.05 -1.02
C GLY B 35 5.35 -3.97 -2.26
N PHE B 36 4.87 -3.43 -3.34
CA PHE B 36 4.68 -4.22 -4.53
C PHE B 36 5.90 -4.84 -5.13
N LEU B 37 6.92 -4.04 -5.32
CA LEU B 37 8.12 -4.58 -5.90
C LEU B 37 8.70 -5.70 -5.04
N ARG B 38 8.61 -5.62 -3.72
CA ARG B 38 9.16 -6.72 -2.92
C ARG B 38 8.30 -7.95 -2.89
N ALA B 39 7.04 -7.75 -3.12
CA ALA B 39 6.16 -8.88 -3.01
C ALA B 39 5.95 -9.67 -4.30
N TRP B 40 6.05 -8.95 -5.43
CA TRP B 40 5.79 -9.55 -6.73
C TRP B 40 6.68 -9.00 -7.83
N PRO B 41 7.98 -9.19 -7.64
CA PRO B 41 8.98 -8.70 -8.58
C PRO B 41 8.83 -9.35 -9.96
N GLU B 42 8.38 -10.58 -9.97
CA GLU B 42 8.21 -11.25 -11.24
C GLU B 42 7.24 -10.52 -12.13
N PHE B 43 6.39 -9.70 -11.54
CA PHE B 43 5.47 -8.95 -12.39
C PHE B 43 6.24 -8.15 -13.45
N PHE B 44 7.49 -7.77 -13.09
CA PHE B 44 8.39 -6.97 -13.93
C PHE B 44 9.47 -7.83 -14.59
N GLY B 45 9.25 -9.12 -14.71
CA GLY B 45 10.27 -9.99 -15.26
C GLY B 45 11.04 -10.48 -14.05
N SER B 46 11.73 -9.56 -13.41
CA SER B 46 12.48 -9.88 -12.23
C SER B 46 13.08 -8.59 -11.74
N ARG B 47 13.53 -8.59 -10.53
CA ARG B 47 14.04 -7.31 -10.05
C ARG B 47 15.30 -6.92 -10.81
N LYS B 48 16.09 -7.96 -11.09
CA LYS B 48 17.32 -7.85 -11.83
C LYS B 48 17.04 -7.39 -13.23
N ALA B 49 16.00 -7.93 -13.81
CA ALA B 49 15.68 -7.46 -15.13
C ALA B 49 15.33 -5.97 -15.06
N LEU B 50 14.47 -5.59 -14.14
CA LEU B 50 14.10 -4.19 -14.07
C LEU B 50 15.30 -3.28 -13.92
N ALA B 51 16.12 -3.65 -12.95
CA ALA B 51 17.32 -2.88 -12.68
C ALA B 51 18.16 -2.66 -13.91
N GLU B 52 18.43 -3.74 -14.65
CA GLU B 52 19.24 -3.69 -15.86
C GLU B 52 18.64 -2.79 -16.93
N LYS B 53 17.32 -2.80 -17.01
CA LYS B 53 16.65 -1.95 -17.97
C LYS B 53 16.86 -0.52 -17.59
N ALA B 54 16.71 -0.25 -16.31
CA ALA B 54 16.88 1.09 -15.80
C ALA B 54 18.28 1.64 -16.03
N VAL B 55 19.29 0.79 -15.79
CA VAL B 55 20.68 1.18 -15.95
C VAL B 55 20.97 1.52 -17.42
N ARG B 56 20.43 0.68 -18.28
CA ARG B 56 20.60 0.97 -19.67
C ARG B 56 20.10 2.36 -20.09
N GLY B 57 18.80 2.60 -19.93
CA GLY B 57 18.21 3.88 -20.30
C GLY B 57 18.83 5.08 -19.58
N LEU B 58 19.38 4.88 -18.41
CA LEU B 58 20.00 5.99 -17.72
C LEU B 58 21.39 6.30 -18.34
N ARG B 59 22.07 5.26 -18.81
CA ARG B 59 23.37 5.43 -19.43
C ARG B 59 23.24 6.13 -20.76
N ARG B 60 22.12 5.86 -21.43
CA ARG B 60 21.80 6.48 -22.71
C ARG B 60 21.51 7.95 -22.46
N ALA B 61 20.71 8.24 -21.41
CA ALA B 61 20.41 9.64 -21.10
C ALA B 61 21.71 10.36 -20.77
N ARG B 62 22.55 9.69 -19.96
CA ARG B 62 23.86 10.22 -19.58
C ARG B 62 24.64 10.53 -20.84
N ALA B 63 24.74 9.55 -21.72
CA ALA B 63 25.45 9.76 -22.99
C ALA B 63 25.11 11.09 -23.65
N ALA B 64 23.81 11.41 -23.64
CA ALA B 64 23.18 12.62 -24.19
C ALA B 64 23.43 13.85 -23.31
N GLY B 65 24.01 13.72 -22.13
CA GLY B 65 24.28 14.95 -21.36
C GLY B 65 23.58 15.11 -20.00
N VAL B 66 22.59 14.26 -19.74
CA VAL B 66 21.87 14.31 -18.46
C VAL B 66 22.78 13.89 -17.30
N ARG B 67 22.86 14.66 -16.23
CA ARG B 67 23.67 14.26 -15.09
C ARG B 67 22.80 13.95 -13.88
N THR B 68 21.66 14.62 -13.75
CA THR B 68 20.80 14.37 -12.61
C THR B 68 19.35 14.16 -13.02
N ILE B 69 18.66 13.33 -12.24
CA ILE B 69 17.23 13.02 -12.38
C ILE B 69 16.58 13.02 -11.01
N VAL B 70 15.36 13.56 -10.94
CA VAL B 70 14.56 13.59 -9.71
C VAL B 70 13.45 12.57 -9.83
N ASP B 71 13.48 11.58 -8.97
CA ASP B 71 12.45 10.57 -9.02
C ASP B 71 11.35 10.99 -8.05
N VAL B 72 10.21 11.40 -8.60
CA VAL B 72 9.07 11.91 -7.82
C VAL B 72 8.16 10.80 -7.27
N SER B 73 8.66 9.57 -7.18
CA SER B 73 7.89 8.48 -6.65
C SER B 73 7.78 8.58 -5.14
N THR B 74 6.54 8.78 -4.60
CA THR B 74 6.28 8.88 -3.14
C THR B 74 6.09 7.48 -2.58
N PHE B 75 5.94 7.36 -1.25
CA PHE B 75 5.64 6.07 -0.65
C PHE B 75 4.57 5.25 -1.41
N ASP B 76 3.43 5.89 -1.67
CA ASP B 76 2.31 5.23 -2.34
C ASP B 76 2.56 4.95 -3.82
N ILE B 77 3.69 5.38 -4.32
CA ILE B 77 3.99 5.14 -5.70
C ILE B 77 4.91 3.91 -5.73
N GLY B 78 5.14 3.37 -4.55
CA GLY B 78 5.99 2.19 -4.51
C GLY B 78 7.49 2.45 -4.56
N ARG B 79 7.90 3.70 -4.33
CA ARG B 79 9.30 4.09 -4.31
C ARG B 79 10.11 3.08 -3.53
N ASP B 80 11.23 2.60 -4.10
CA ASP B 80 12.14 1.65 -3.44
C ASP B 80 13.54 2.23 -3.49
N VAL B 81 13.86 2.98 -2.46
CA VAL B 81 15.12 3.68 -2.33
C VAL B 81 16.38 2.88 -2.58
N SER B 82 16.34 1.62 -2.19
CA SER B 82 17.47 0.74 -2.46
C SER B 82 17.61 0.49 -3.96
N LEU B 83 16.49 0.34 -4.70
CA LEU B 83 16.66 0.16 -6.14
C LEU B 83 17.30 1.40 -6.72
N LEU B 84 16.80 2.53 -6.30
CA LEU B 84 17.33 3.78 -6.79
C LEU B 84 18.83 3.88 -6.58
N ALA B 85 19.28 3.62 -5.36
CA ALA B 85 20.74 3.71 -5.11
C ALA B 85 21.51 2.77 -6.00
N GLU B 86 21.04 1.56 -6.08
CA GLU B 86 21.75 0.66 -6.93
C GLU B 86 21.87 1.16 -8.39
N VAL B 87 20.80 1.61 -8.99
CA VAL B 87 21.03 2.00 -10.38
C VAL B 87 21.74 3.33 -10.49
N SER B 88 21.67 4.17 -9.47
CA SER B 88 22.37 5.44 -9.57
C SER B 88 23.87 5.11 -9.64
N ARG B 89 24.26 4.14 -8.84
CA ARG B 89 25.65 3.70 -8.77
C ARG B 89 26.22 3.11 -10.06
N ALA B 90 25.43 2.29 -10.71
CA ALA B 90 25.82 1.59 -11.94
C ALA B 90 25.88 2.46 -13.18
N ALA B 91 24.94 3.38 -13.26
CA ALA B 91 24.80 4.30 -14.39
C ALA B 91 25.63 5.55 -14.21
N ASP B 92 25.94 5.82 -12.95
CA ASP B 92 26.66 7.02 -12.59
C ASP B 92 25.84 8.26 -12.92
N VAL B 93 24.60 8.20 -12.51
CA VAL B 93 23.68 9.30 -12.64
C VAL B 93 23.15 9.66 -11.25
N HIS B 94 23.07 10.94 -10.97
CA HIS B 94 22.57 11.31 -9.69
C HIS B 94 21.06 11.21 -9.71
N ILE B 95 20.54 10.68 -8.61
CA ILE B 95 19.12 10.57 -8.48
C ILE B 95 18.66 11.23 -7.22
N VAL B 96 17.66 12.08 -7.34
CA VAL B 96 17.10 12.77 -6.18
C VAL B 96 15.79 12.12 -5.78
N ALA B 97 15.63 11.72 -4.47
CA ALA B 97 14.40 11.06 -4.00
C ALA B 97 13.38 12.01 -3.42
N ALA B 98 12.15 11.51 -3.28
CA ALA B 98 11.07 12.30 -2.79
C ALA B 98 10.33 11.69 -1.65
N THR B 99 9.64 12.60 -0.93
CA THR B 99 8.71 12.29 0.16
C THR B 99 7.34 12.84 -0.28
N GLY B 100 6.32 12.78 0.54
CA GLY B 100 5.01 13.27 0.08
C GLY B 100 4.06 12.11 -0.13
N LEU B 101 2.88 12.41 -0.66
CA LEU B 101 1.89 11.36 -0.94
C LEU B 101 1.25 11.67 -2.26
N TRP B 102 0.91 10.64 -3.01
CA TRP B 102 0.28 10.74 -4.33
C TRP B 102 -1.20 10.47 -4.19
N PHE B 103 -1.90 9.87 -5.15
CA PHE B 103 -3.32 9.70 -4.89
C PHE B 103 -3.80 8.30 -4.57
N ASP B 104 -2.92 7.48 -4.04
CA ASP B 104 -3.32 6.13 -3.68
C ASP B 104 -2.88 5.77 -2.27
N PRO B 105 -3.10 6.64 -1.28
CA PRO B 105 -2.71 6.35 0.10
C PRO B 105 -3.60 5.28 0.76
N PRO B 106 -2.95 4.43 1.57
CA PRO B 106 -3.69 3.39 2.29
C PRO B 106 -4.34 3.93 3.55
N LEU B 107 -5.27 3.13 4.05
CA LEU B 107 -5.96 3.48 5.26
C LEU B 107 -5.04 4.08 6.29
N SER B 108 -3.92 3.42 6.53
CA SER B 108 -3.05 3.92 7.56
C SER B 108 -2.64 5.34 7.34
N MET B 109 -2.68 5.78 6.09
CA MET B 109 -2.30 7.15 5.84
C MET B 109 -3.53 8.06 5.84
N ARG B 110 -4.56 7.67 5.08
CA ARG B 110 -5.80 8.45 4.98
C ARG B 110 -6.39 8.88 6.32
N LEU B 111 -6.14 8.10 7.35
CA LEU B 111 -6.71 8.39 8.65
C LEU B 111 -5.88 9.31 9.54
N ARG B 112 -4.76 9.82 9.06
CA ARG B 112 -3.95 10.67 9.88
C ARG B 112 -4.35 12.13 9.82
N SER B 113 -3.87 12.89 10.80
CA SER B 113 -4.11 14.31 10.90
C SER B 113 -3.00 15.09 10.26
N VAL B 114 -3.31 16.38 10.05
CA VAL B 114 -2.34 17.28 9.42
C VAL B 114 -1.01 17.32 10.17
N GLU B 115 -1.10 17.20 11.48
CA GLU B 115 0.08 17.20 12.31
C GLU B 115 0.85 15.87 12.15
N GLU B 116 0.11 14.80 11.93
CA GLU B 116 0.78 13.54 11.81
C GLU B 116 1.51 13.50 10.49
N LEU B 117 0.77 13.87 9.46
CA LEU B 117 1.39 13.92 8.15
C LEU B 117 2.65 14.78 8.13
N THR B 118 2.66 15.90 8.87
CA THR B 118 3.84 16.78 8.90
C THR B 118 5.10 16.05 9.36
N GLN B 119 4.87 15.21 10.35
CA GLN B 119 5.90 14.43 10.98
C GLN B 119 6.47 13.40 10.01
N PHE B 120 5.60 12.72 9.32
CA PHE B 120 6.06 11.75 8.40
C PHE B 120 6.93 12.40 7.34
N PHE B 121 6.45 13.50 6.76
CA PHE B 121 7.31 14.12 5.72
C PHE B 121 8.62 14.61 6.27
N LEU B 122 8.62 15.18 7.46
CA LEU B 122 9.89 15.66 7.95
C LEU B 122 10.86 14.51 8.22
N ARG B 123 10.27 13.41 8.65
CA ARG B 123 11.06 12.21 8.95
C ARG B 123 11.90 11.80 7.74
N GLU B 124 11.21 11.73 6.61
CA GLU B 124 11.80 11.31 5.34
C GLU B 124 12.84 12.24 4.83
N ILE B 125 12.67 13.52 5.14
CA ILE B 125 13.60 14.53 4.71
C ILE B 125 14.76 14.70 5.70
N GLN B 126 14.51 14.55 6.99
CA GLN B 126 15.58 14.82 7.93
C GLN B 126 16.33 13.63 8.41
N TYR B 127 15.57 12.59 8.74
CA TYR B 127 16.02 11.32 9.26
C TYR B 127 16.32 10.37 8.08
N GLY B 128 15.40 10.26 7.16
CA GLY B 128 15.72 9.43 6.03
C GLY B 128 14.62 8.44 5.73
N ILE B 129 14.76 7.84 4.57
CA ILE B 129 13.81 6.90 4.09
C ILE B 129 14.06 5.52 4.67
N GLU B 130 13.02 5.06 5.28
CA GLU B 130 13.07 3.82 5.98
C GLU B 130 14.21 3.87 6.96
N ASP B 131 15.07 2.90 6.84
CA ASP B 131 16.23 2.76 7.70
C ASP B 131 17.52 2.98 6.93
N THR B 132 17.44 3.54 5.74
CA THR B 132 18.61 3.72 4.90
C THR B 132 19.44 4.93 5.13
N GLY B 133 18.87 5.98 5.73
CA GLY B 133 19.68 7.18 5.91
C GLY B 133 19.63 8.06 4.66
N ILE B 134 19.06 7.55 3.59
CA ILE B 134 18.88 8.33 2.34
C ILE B 134 17.79 9.41 2.55
N ARG B 135 18.16 10.69 2.40
CA ARG B 135 17.22 11.79 2.63
C ARG B 135 16.52 12.25 1.40
N ALA B 136 15.25 12.70 1.53
CA ALA B 136 14.49 13.15 0.34
C ALA B 136 14.88 14.59 0.03
N GLY B 137 14.88 14.92 -1.26
CA GLY B 137 15.25 16.26 -1.65
C GLY B 137 14.09 17.08 -2.19
N ILE B 138 12.91 16.52 -2.12
CA ILE B 138 11.77 17.26 -2.64
C ILE B 138 10.51 16.59 -2.08
N ILE B 139 9.39 17.32 -2.12
CA ILE B 139 8.10 16.82 -1.62
C ILE B 139 7.04 16.76 -2.73
N KCX B 140 6.48 15.59 -2.98
CA KCX B 140 5.49 15.47 -4.03
CB KCX B 140 5.84 14.31 -4.94
CG KCX B 140 4.63 13.85 -5.75
CD KCX B 140 4.55 14.54 -7.10
CE KCX B 140 3.53 13.88 -8.02
NZ KCX B 140 3.96 12.60 -8.59
C KCX B 140 4.08 15.30 -3.51
O KCX B 140 3.86 14.43 -2.67
CX KCX B 140 3.59 12.29 -9.96
OQ1 KCX B 140 2.46 12.89 -10.29
OQ2 KCX B 140 4.32 11.60 -10.69
N VAL B 141 3.15 16.13 -4.02
CA VAL B 141 1.73 16.06 -3.65
C VAL B 141 0.82 15.97 -4.85
N ALA B 142 -0.45 15.70 -4.62
CA ALA B 142 -1.35 15.58 -5.71
C ALA B 142 -2.80 15.92 -5.47
N THR B 143 -3.46 16.27 -6.58
CA THR B 143 -4.89 16.50 -6.66
C THR B 143 -5.34 16.06 -8.02
N THR B 144 -6.58 15.65 -8.08
CA THR B 144 -7.15 15.18 -9.32
C THR B 144 -8.46 15.89 -9.58
N GLY B 145 -8.42 17.22 -9.54
CA GLY B 145 -9.60 18.02 -9.72
C GLY B 145 -9.81 18.67 -8.36
N LYS B 146 -11.04 18.92 -7.96
CA LYS B 146 -11.27 19.55 -6.66
C LYS B 146 -10.73 18.73 -5.50
N ALA B 147 -9.88 19.33 -4.67
CA ALA B 147 -9.31 18.60 -3.53
C ALA B 147 -10.36 18.05 -2.56
N THR B 148 -10.06 16.83 -2.12
CA THR B 148 -10.81 16.12 -1.12
C THR B 148 -10.31 16.69 0.21
N PRO B 149 -10.97 16.39 1.33
CA PRO B 149 -10.48 16.92 2.60
C PRO B 149 -9.13 16.35 2.98
N PHE B 150 -8.88 15.11 2.57
CA PHE B 150 -7.63 14.45 2.89
C PHE B 150 -6.55 15.16 2.12
N GLN B 151 -6.79 15.32 0.85
CA GLN B 151 -5.87 16.00 0.00
C GLN B 151 -5.53 17.36 0.53
N GLU B 152 -6.53 18.05 1.10
CA GLU B 152 -6.34 19.36 1.73
C GLU B 152 -5.34 19.29 2.86
N LEU B 153 -5.47 18.23 3.67
CA LEU B 153 -4.55 18.06 4.77
C LEU B 153 -3.17 17.87 4.23
N VAL B 154 -3.09 17.11 3.13
CA VAL B 154 -1.79 16.79 2.57
C VAL B 154 -1.06 17.99 2.08
N LEU B 155 -1.82 18.83 1.40
CA LEU B 155 -1.20 20.00 0.86
C LEU B 155 -0.70 20.85 2.00
N LYS B 156 -1.46 20.87 3.11
CA LYS B 156 -1.08 21.65 4.31
C LYS B 156 0.19 21.12 4.95
N ALA B 157 0.23 19.82 5.21
CA ALA B 157 1.44 19.26 5.79
C ALA B 157 2.66 19.46 4.88
N ALA B 158 2.42 19.38 3.56
CA ALA B 158 3.48 19.58 2.59
C ALA B 158 4.06 20.95 2.74
N ALA B 159 3.17 21.94 2.72
CA ALA B 159 3.56 23.31 2.95
C ALA B 159 4.32 23.40 4.28
N ARG B 160 3.82 22.74 5.31
CA ARG B 160 4.57 22.88 6.57
C ARG B 160 5.93 22.25 6.61
N ALA B 161 6.03 21.09 5.98
CA ALA B 161 7.33 20.48 5.97
C ALA B 161 8.29 21.34 5.19
N SER B 162 7.80 21.90 4.11
CA SER B 162 8.62 22.72 3.27
C SER B 162 9.21 23.95 3.95
N LEU B 163 8.39 24.67 4.77
CA LEU B 163 8.74 25.89 5.50
C LEU B 163 9.85 25.61 6.49
N ALA B 164 9.73 24.48 7.17
CA ALA B 164 10.73 24.07 8.15
C ALA B 164 12.08 23.61 7.56
N THR B 165 12.04 23.02 6.37
CA THR B 165 13.23 22.45 5.72
C THR B 165 13.81 23.21 4.54
N GLY B 166 13.03 23.99 3.82
CA GLY B 166 13.62 24.69 2.71
C GLY B 166 13.52 23.94 1.38
N VAL B 167 13.11 22.68 1.47
CA VAL B 167 12.94 21.73 0.36
C VAL B 167 11.74 22.12 -0.53
N PRO B 168 11.90 22.06 -1.85
CA PRO B 168 10.83 22.45 -2.75
C PRO B 168 9.68 21.49 -2.78
N VAL B 169 8.57 21.97 -3.34
CA VAL B 169 7.35 21.19 -3.47
C VAL B 169 6.98 21.08 -4.97
N THR B 170 6.63 19.85 -5.45
CA THR B 170 6.24 19.61 -6.84
C THR B 170 4.89 18.90 -6.82
N THR B 171 4.00 19.23 -7.74
CA THR B 171 2.68 18.61 -7.67
C THR B 171 2.23 17.98 -8.97
N HIS B 172 1.25 17.10 -8.78
CA HIS B 172 0.57 16.45 -9.88
C HIS B 172 -0.76 17.22 -9.94
N THR B 173 -1.29 17.55 -11.12
CA THR B 173 -2.56 18.25 -11.18
C THR B 173 -3.38 17.75 -12.31
N ALA B 174 -4.65 18.12 -12.35
CA ALA B 174 -5.51 17.83 -13.49
C ALA B 174 -5.58 19.18 -14.17
N ALA B 175 -4.50 19.51 -14.92
CA ALA B 175 -4.35 20.78 -15.63
C ALA B 175 -5.65 21.38 -16.18
N SER B 176 -6.40 20.54 -16.89
CA SER B 176 -7.66 20.89 -17.52
C SER B 176 -8.69 21.42 -16.53
N GLN B 177 -8.55 21.05 -15.26
CA GLN B 177 -9.46 21.51 -14.23
C GLN B 177 -8.90 22.64 -13.42
N ARG B 178 -7.76 23.10 -13.88
CA ARG B 178 -7.10 24.20 -13.24
C ARG B 178 -6.69 23.92 -11.80
N ASP B 179 -6.51 22.66 -11.43
CA ASP B 179 -6.12 22.36 -10.06
C ASP B 179 -5.08 23.32 -9.49
N GLY B 180 -4.16 23.78 -10.32
CA GLY B 180 -3.10 24.64 -9.86
C GLY B 180 -3.58 25.79 -8.99
N GLU B 181 -4.72 26.33 -9.36
CA GLU B 181 -5.26 27.47 -8.65
C GLU B 181 -5.64 27.16 -7.22
N GLN B 182 -6.27 26.01 -7.00
CA GLN B 182 -6.64 25.75 -5.64
C GLN B 182 -5.42 25.35 -4.84
N GLN B 183 -4.44 24.75 -5.51
CA GLN B 183 -3.28 24.32 -4.75
C GLN B 183 -2.56 25.55 -4.24
N ALA B 184 -2.48 26.56 -5.12
CA ALA B 184 -1.82 27.81 -4.74
C ALA B 184 -2.51 28.46 -3.55
N ALA B 185 -3.83 28.53 -3.64
CA ALA B 185 -4.63 29.11 -2.58
C ALA B 185 -4.27 28.49 -1.27
N ILE B 186 -4.30 27.17 -1.22
CA ILE B 186 -3.97 26.52 0.02
C ILE B 186 -2.57 26.81 0.49
N PHE B 187 -1.62 26.69 -0.44
CA PHE B 187 -0.20 26.90 -0.13
C PHE B 187 0.03 28.30 0.34
N GLU B 188 -0.66 29.25 -0.28
CA GLU B 188 -0.42 30.63 0.12
C GLU B 188 -0.93 30.91 1.52
N SER B 189 -2.03 30.25 1.85
CA SER B 189 -2.66 30.36 3.12
C SER B 189 -1.78 29.81 4.23
N GLU B 190 -0.85 28.91 3.90
CA GLU B 190 0.03 28.38 4.91
C GLU B 190 1.30 29.17 4.99
N GLY B 191 1.42 30.18 4.16
CA GLY B 191 2.59 31.01 4.23
C GLY B 191 3.70 30.62 3.26
N LEU B 192 3.46 29.60 2.43
CA LEU B 192 4.49 29.14 1.51
C LEU B 192 4.73 30.04 0.33
N SER B 193 5.99 30.32 0.03
CA SER B 193 6.32 31.16 -1.10
C SER B 193 6.27 30.38 -2.42
N PRO B 194 5.53 30.93 -3.41
CA PRO B 194 5.35 30.27 -4.72
C PRO B 194 6.61 29.81 -5.41
N SER B 195 7.69 30.50 -5.10
CA SER B 195 8.97 30.18 -5.69
C SER B 195 9.52 28.89 -5.18
N ARG B 196 8.79 28.21 -4.31
CA ARG B 196 9.25 26.94 -3.78
C ARG B 196 8.39 25.82 -4.32
N VAL B 197 7.47 26.25 -5.17
CA VAL B 197 6.53 25.32 -5.71
C VAL B 197 6.49 25.25 -7.21
N CYS B 198 6.37 24.00 -7.69
CA CYS B 198 6.28 23.66 -9.10
C CYS B 198 4.96 22.99 -9.34
N ILE B 199 4.15 23.64 -10.15
CA ILE B 199 2.83 23.13 -10.52
C ILE B 199 2.99 22.27 -11.77
N GLY B 200 2.96 20.93 -11.57
CA GLY B 200 3.16 19.92 -12.58
C GLY B 200 1.98 19.57 -13.45
N HIS B 201 2.34 18.81 -14.50
CA HIS B 201 1.49 18.29 -15.56
C HIS B 201 0.90 19.47 -16.28
N SER B 202 1.60 20.55 -16.18
CA SER B 202 1.05 21.71 -16.82
C SER B 202 0.97 21.66 -18.32
N ASP B 203 1.71 20.75 -18.92
CA ASP B 203 1.70 20.65 -20.35
C ASP B 203 0.44 19.96 -20.84
N ASP B 204 -0.38 19.55 -19.89
CA ASP B 204 -1.60 18.84 -20.20
C ASP B 204 -2.76 19.74 -20.60
N THR B 205 -2.49 21.02 -20.61
CA THR B 205 -3.54 21.95 -20.98
C THR B 205 -3.06 22.84 -22.10
N ASP B 206 -4.00 23.41 -22.85
CA ASP B 206 -3.64 24.31 -23.93
C ASP B 206 -3.99 25.72 -23.50
N ASP B 207 -4.49 25.84 -22.28
CA ASP B 207 -4.94 27.12 -21.72
C ASP B 207 -3.79 28.02 -21.26
N LEU B 208 -3.23 28.77 -22.17
CA LEU B 208 -2.10 29.60 -21.85
C LEU B 208 -2.38 30.61 -20.75
N SER B 209 -3.61 31.03 -20.70
CA SER B 209 -4.00 31.99 -19.69
C SER B 209 -3.96 31.38 -18.28
N TYR B 210 -4.30 30.11 -18.17
CA TYR B 210 -4.24 29.52 -16.85
C TYR B 210 -2.77 29.50 -16.45
N LEU B 211 -1.91 29.15 -17.40
CA LEU B 211 -0.48 29.07 -17.12
C LEU B 211 0.20 30.41 -16.83
N THR B 212 -0.08 31.42 -17.61
CA THR B 212 0.58 32.69 -17.37
C THR B 212 0.19 33.33 -16.03
N ALA B 213 -1.01 33.06 -15.58
CA ALA B 213 -1.44 33.62 -14.34
C ALA B 213 -0.65 33.09 -13.19
N LEU B 214 -0.37 31.79 -13.25
CA LEU B 214 0.37 31.19 -12.17
C LEU B 214 1.80 31.65 -12.26
N ALA B 215 2.27 31.77 -13.47
CA ALA B 215 3.64 32.18 -13.62
C ALA B 215 3.85 33.56 -13.03
N ALA B 216 2.93 34.42 -13.40
CA ALA B 216 2.96 35.78 -12.94
C ALA B 216 3.04 35.88 -11.42
N ARG B 217 2.32 35.00 -10.72
CA ARG B 217 2.32 34.97 -9.29
C ARG B 217 3.64 34.46 -8.71
N GLY B 218 4.46 33.76 -9.51
CA GLY B 218 5.75 33.30 -9.00
C GLY B 218 6.01 31.79 -8.97
N TYR B 219 5.00 30.99 -9.28
CA TYR B 219 5.13 29.54 -9.29
C TYR B 219 6.00 29.07 -10.43
N LEU B 220 6.56 27.89 -10.26
CA LEU B 220 7.29 27.31 -11.35
C LEU B 220 6.30 26.48 -12.16
N ILE B 221 6.44 26.43 -13.48
CA ILE B 221 5.49 25.66 -14.29
C ILE B 221 6.13 24.35 -14.77
N GLY B 222 5.57 23.18 -14.43
CA GLY B 222 6.17 21.92 -14.87
C GLY B 222 5.53 21.40 -16.16
N LEU B 223 6.36 21.45 -17.23
CA LEU B 223 6.06 21.01 -18.60
C LEU B 223 6.89 19.73 -18.72
N ASP B 224 6.29 18.67 -18.17
CA ASP B 224 6.92 17.39 -17.92
C ASP B 224 6.44 16.13 -18.59
N GLY B 225 5.52 16.17 -19.53
CA GLY B 225 5.12 14.94 -20.17
C GLY B 225 5.26 15.08 -21.67
N ILE B 226 6.29 15.79 -22.12
CA ILE B 226 6.48 16.05 -23.54
C ILE B 226 6.33 14.92 -24.55
N PRO B 227 6.85 13.74 -24.25
CA PRO B 227 6.83 12.60 -25.18
C PRO B 227 5.54 11.78 -25.11
N TRP B 228 4.64 12.16 -24.22
CA TRP B 228 3.39 11.47 -24.01
C TRP B 228 2.38 11.77 -25.07
N SER B 229 2.21 10.86 -25.95
CA SER B 229 1.23 11.06 -26.97
C SER B 229 0.67 9.73 -27.50
N ALA B 230 -0.65 9.60 -27.66
CA ALA B 230 -1.22 8.35 -28.15
C ALA B 230 -1.48 8.42 -29.65
N ILE B 231 -0.96 9.47 -30.25
CA ILE B 231 -1.12 9.73 -31.66
C ILE B 231 -0.79 8.53 -32.57
N GLY B 232 -1.83 7.92 -33.14
CA GLY B 232 -1.66 6.76 -33.98
C GLY B 232 -1.95 5.45 -33.24
N LEU B 233 -2.22 5.57 -31.95
CA LEU B 233 -2.51 4.45 -31.09
C LEU B 233 -3.96 4.45 -30.62
N GLU B 234 -4.77 5.33 -31.20
CA GLU B 234 -6.18 5.48 -30.82
C GLU B 234 -7.03 4.22 -30.85
N ASP B 235 -6.50 3.19 -31.48
CA ASP B 235 -7.17 1.91 -31.53
C ASP B 235 -7.13 1.29 -30.13
N ASN B 236 -6.31 1.92 -29.27
CA ASN B 236 -6.06 1.53 -27.90
C ASN B 236 -6.57 2.57 -26.92
N ALA B 237 -7.73 2.28 -26.32
CA ALA B 237 -8.40 3.17 -25.37
C ALA B 237 -7.70 3.44 -24.04
N SER B 238 -7.04 2.41 -23.52
CA SER B 238 -6.34 2.55 -22.26
C SER B 238 -5.14 3.43 -22.50
N ALA B 239 -4.46 3.15 -23.59
CA ALA B 239 -3.30 3.89 -24.00
C ALA B 239 -3.68 5.33 -24.28
N SER B 240 -4.72 5.48 -25.04
CA SER B 240 -5.15 6.81 -25.38
C SER B 240 -5.58 7.64 -24.18
N ALA B 241 -6.21 6.98 -23.22
CA ALA B 241 -6.69 7.63 -22.01
C ALA B 241 -5.57 8.22 -21.19
N LEU B 242 -4.46 7.48 -21.14
CA LEU B 242 -3.29 7.88 -20.39
C LEU B 242 -2.38 8.89 -21.08
N LEU B 243 -1.92 8.58 -22.30
CA LEU B 243 -1.01 9.46 -23.06
C LEU B 243 -1.61 10.72 -23.66
N GLY B 244 -2.89 10.71 -24.00
CA GLY B 244 -3.53 11.88 -24.60
C GLY B 244 -3.44 11.79 -26.12
N ILE B 245 -4.04 12.73 -26.85
CA ILE B 245 -3.96 12.66 -28.30
C ILE B 245 -3.42 13.94 -28.96
N ARG B 246 -2.70 14.67 -28.14
CA ARG B 246 -2.02 15.87 -28.53
C ARG B 246 -0.59 15.40 -28.79
N SER B 247 0.06 15.96 -29.82
CA SER B 247 1.41 15.55 -30.20
C SER B 247 2.54 16.10 -29.33
N TRP B 248 3.73 15.53 -29.45
CA TRP B 248 4.83 16.02 -28.65
C TRP B 248 5.24 17.44 -28.99
N GLN B 249 5.16 17.77 -30.28
CA GLN B 249 5.49 19.13 -30.72
C GLN B 249 4.65 20.21 -30.00
N THR B 250 3.33 19.94 -29.86
CA THR B 250 2.36 20.83 -29.22
C THR B 250 2.71 21.07 -27.78
N ARG B 251 3.16 20.02 -27.13
CA ARG B 251 3.56 20.13 -25.75
C ARG B 251 4.85 21.00 -25.70
N ALA B 252 5.83 20.65 -26.53
CA ALA B 252 7.08 21.40 -26.57
C ALA B 252 6.89 22.88 -26.81
N LEU B 253 5.97 23.18 -27.73
CA LEU B 253 5.76 24.58 -28.03
C LEU B 253 5.32 25.38 -26.83
N LEU B 254 4.57 24.75 -25.90
CA LEU B 254 4.18 25.50 -24.72
C LEU B 254 5.45 26.03 -24.09
N ILE B 255 6.53 25.27 -24.20
CA ILE B 255 7.75 25.77 -23.59
C ILE B 255 8.16 27.09 -24.24
N LYS B 256 8.16 27.11 -25.54
CA LYS B 256 8.55 28.33 -26.23
C LYS B 256 7.60 29.45 -25.94
N ALA B 257 6.34 29.06 -25.75
CA ALA B 257 5.29 30.02 -25.45
C ALA B 257 5.54 30.81 -24.17
N LEU B 258 5.99 30.14 -23.12
CA LEU B 258 6.25 30.85 -21.87
C LEU B 258 7.52 31.69 -21.90
N ILE B 259 8.45 31.25 -22.72
CA ILE B 259 9.72 31.97 -22.85
C ILE B 259 9.37 33.27 -23.49
N ASP B 260 8.71 33.11 -24.62
CA ASP B 260 8.24 34.27 -25.35
C ASP B 260 7.50 35.29 -24.47
N GLN B 261 6.82 34.86 -23.39
CA GLN B 261 6.07 35.78 -22.50
C GLN B 261 6.96 36.32 -21.38
N GLY B 262 8.21 35.91 -21.43
CA GLY B 262 9.22 36.31 -20.48
C GLY B 262 9.23 35.51 -19.21
N TYR B 263 9.03 34.19 -19.24
CA TYR B 263 9.04 33.50 -17.96
C TYR B 263 9.98 32.35 -17.96
N MET B 264 11.01 32.53 -18.74
CA MET B 264 11.92 31.43 -18.84
C MET B 264 12.51 30.98 -17.54
N LYS B 265 12.48 31.89 -16.59
CA LYS B 265 13.09 31.54 -15.35
C LYS B 265 12.15 30.73 -14.53
N GLN B 266 10.93 30.55 -15.03
CA GLN B 266 9.91 29.81 -14.28
C GLN B 266 9.58 28.44 -14.83
N ILE B 267 10.30 28.05 -15.86
CA ILE B 267 10.06 26.84 -16.57
C ILE B 267 10.94 25.70 -16.15
N LEU B 268 10.31 24.52 -16.03
CA LEU B 268 10.98 23.25 -15.72
C LEU B 268 10.49 22.19 -16.71
N VAL B 269 11.41 21.47 -17.37
CA VAL B 269 11.02 20.47 -18.31
C VAL B 269 11.51 19.05 -17.93
N SER B 270 10.62 18.06 -18.12
CA SER B 270 10.92 16.62 -17.89
C SER B 270 10.15 15.71 -18.84
N ASN B 271 10.32 14.37 -18.72
CA ASN B 271 9.66 13.37 -19.59
C ASN B 271 8.55 12.61 -18.89
N ASP B 272 8.63 12.49 -17.57
CA ASP B 272 7.67 11.72 -16.77
C ASP B 272 7.73 10.29 -17.25
N TRP B 273 8.95 9.81 -17.48
CA TRP B 273 9.21 8.47 -17.97
C TRP B 273 9.35 7.49 -16.80
N THR B 274 9.42 6.18 -17.13
CA THR B 274 9.54 5.10 -16.14
C THR B 274 10.05 3.80 -16.76
N PHE B 275 10.64 2.94 -15.96
CA PHE B 275 11.12 1.71 -16.54
C PHE B 275 10.27 0.52 -16.18
N GLY B 276 9.33 0.76 -15.28
CA GLY B 276 8.42 -0.24 -14.74
C GLY B 276 7.12 0.47 -14.40
N PHE B 277 5.99 -0.22 -14.59
CA PHE B 277 4.74 0.48 -14.35
C PHE B 277 3.63 -0.50 -14.02
N SER B 278 3.38 -0.72 -12.73
CA SER B 278 2.36 -1.68 -12.36
C SER B 278 1.05 -1.05 -11.90
N SER B 279 1.05 0.27 -11.73
CA SER B 279 -0.17 0.91 -11.28
C SER B 279 -1.07 1.20 -12.48
N TYR B 280 -0.93 0.42 -13.53
CA TYR B 280 -1.77 0.63 -14.69
C TYR B 280 -2.11 -0.69 -15.37
N VAL B 281 -2.66 -0.64 -16.58
CA VAL B 281 -2.94 -1.88 -17.28
C VAL B 281 -1.64 -2.68 -17.53
N THR B 282 -1.79 -4.00 -17.66
CA THR B 282 -0.62 -4.80 -17.93
C THR B 282 -0.17 -4.57 -19.35
N ASN B 283 1.11 -4.49 -19.51
CA ASN B 283 1.64 -4.26 -20.84
C ASN B 283 1.70 -2.82 -21.30
N ILE B 284 1.35 -1.89 -20.43
CA ILE B 284 1.43 -0.50 -20.85
C ILE B 284 2.85 -0.15 -21.21
N MET B 285 3.79 -0.65 -20.44
CA MET B 285 5.20 -0.38 -20.73
C MET B 285 5.55 -0.69 -22.17
N ASP B 286 5.05 -1.79 -22.68
CA ASP B 286 5.40 -2.11 -24.04
C ASP B 286 4.85 -1.06 -24.99
N VAL B 287 3.65 -0.60 -24.72
CA VAL B 287 3.11 0.43 -25.57
C VAL B 287 4.03 1.66 -25.54
N MET B 288 4.38 2.09 -24.34
CA MET B 288 5.21 3.29 -24.09
C MET B 288 6.59 3.19 -24.72
N ASP B 289 7.23 2.08 -24.55
CA ASP B 289 8.51 1.96 -25.14
C ASP B 289 8.51 2.01 -26.68
N ARG B 290 7.35 1.71 -27.29
CA ARG B 290 7.21 1.77 -28.72
C ARG B 290 7.07 3.22 -29.12
N VAL B 291 6.28 3.91 -28.35
CA VAL B 291 6.07 5.32 -28.59
C VAL B 291 7.34 6.20 -28.42
N ASN B 292 8.17 5.88 -27.44
CA ASN B 292 9.38 6.66 -27.14
C ASN B 292 10.62 5.87 -26.74
N PRO B 293 11.23 5.34 -27.76
CA PRO B 293 12.43 4.52 -27.72
C PRO B 293 13.60 5.20 -27.06
N ASP B 294 13.59 6.54 -27.13
CA ASP B 294 14.66 7.33 -26.52
C ASP B 294 14.57 7.42 -25.01
N GLY B 295 13.41 7.10 -24.47
CA GLY B 295 13.33 7.16 -23.04
C GLY B 295 13.57 8.56 -22.49
N MET B 296 14.26 8.63 -21.35
CA MET B 296 14.57 9.91 -20.77
C MET B 296 15.49 10.80 -21.63
N ALA B 297 16.16 10.26 -22.67
CA ALA B 297 17.02 11.10 -23.51
C ALA B 297 16.22 11.92 -24.50
N PHE B 298 14.91 11.74 -24.48
CA PHE B 298 14.03 12.43 -25.39
C PHE B 298 14.19 13.92 -25.28
N ILE B 299 14.21 14.43 -24.07
CA ILE B 299 14.38 15.86 -23.91
C ILE B 299 15.58 16.41 -24.67
N PRO B 300 16.76 15.89 -24.39
CA PRO B 300 17.98 16.42 -25.01
C PRO B 300 18.16 16.10 -26.47
N LEU B 301 17.78 14.91 -26.84
CA LEU B 301 17.94 14.48 -28.20
C LEU B 301 16.90 15.02 -29.14
N ARG B 302 15.74 15.38 -28.62
CA ARG B 302 14.66 15.80 -29.49
C ARG B 302 14.00 17.13 -29.18
N VAL B 303 13.83 17.45 -27.92
CA VAL B 303 13.17 18.69 -27.60
C VAL B 303 14.08 19.88 -27.78
N ILE B 304 15.34 19.76 -27.30
CA ILE B 304 16.31 20.86 -27.38
C ILE B 304 16.59 21.34 -28.79
N PRO B 305 16.78 20.38 -29.65
CA PRO B 305 17.07 20.64 -31.02
C PRO B 305 15.86 21.19 -31.74
N PHE B 306 14.72 20.76 -31.27
CA PHE B 306 13.52 21.23 -31.88
C PHE B 306 13.35 22.68 -31.51
N LEU B 307 13.56 22.95 -30.23
CA LEU B 307 13.38 24.31 -29.78
C LEU B 307 14.42 25.20 -30.36
N ARG B 308 15.63 24.70 -30.45
CA ARG B 308 16.67 25.58 -31.02
C ARG B 308 16.26 26.02 -32.43
N GLU B 309 15.86 25.02 -33.20
CA GLU B 309 15.39 25.14 -34.56
C GLU B 309 14.20 26.07 -34.69
N LYS B 310 13.39 26.17 -33.65
CA LYS B 310 12.24 27.06 -33.66
C LYS B 310 12.67 28.45 -33.21
N GLY B 311 13.97 28.67 -33.02
CA GLY B 311 14.39 30.00 -32.67
C GLY B 311 14.83 30.23 -31.25
N VAL B 312 14.81 29.21 -30.42
CA VAL B 312 15.27 29.44 -29.05
C VAL B 312 16.77 29.34 -28.97
N PRO B 313 17.37 30.32 -28.30
CA PRO B 313 18.80 30.33 -28.17
C PRO B 313 19.30 29.27 -27.23
N GLN B 314 20.35 28.61 -27.67
CA GLN B 314 20.96 27.56 -26.89
C GLN B 314 21.12 27.95 -25.43
N GLU B 315 21.74 29.10 -25.25
CA GLU B 315 21.99 29.65 -23.98
C GLU B 315 20.70 29.62 -23.15
N THR B 316 19.56 30.04 -23.73
CA THR B 316 18.29 30.03 -22.98
C THR B 316 17.92 28.63 -22.57
N LEU B 317 18.16 27.71 -23.49
CA LEU B 317 17.91 26.30 -23.30
C LEU B 317 18.75 25.80 -22.14
N ALA B 318 19.95 26.32 -22.06
CA ALA B 318 20.85 25.95 -21.02
C ALA B 318 20.37 26.50 -19.67
N GLY B 319 19.70 27.62 -19.72
CA GLY B 319 19.25 28.12 -18.44
C GLY B 319 18.14 27.22 -17.91
N ILE B 320 17.25 26.83 -18.80
CA ILE B 320 16.13 26.01 -18.39
C ILE B 320 16.54 24.64 -17.84
N THR B 321 17.56 24.02 -18.45
CA THR B 321 17.92 22.67 -18.05
C THR B 321 18.97 22.58 -17.00
N VAL B 322 19.66 23.67 -16.77
CA VAL B 322 20.72 23.69 -15.79
C VAL B 322 20.53 24.64 -14.65
N THR B 323 20.20 25.89 -15.01
CA THR B 323 20.03 26.94 -14.00
C THR B 323 18.74 26.90 -13.18
N ASN B 324 17.60 26.69 -13.84
CA ASN B 324 16.30 26.66 -13.13
C ASN B 324 16.21 25.52 -12.12
N PRO B 325 16.62 24.36 -12.52
CA PRO B 325 16.57 23.30 -11.59
C PRO B 325 17.46 23.56 -10.42
N ALA B 326 18.67 24.02 -10.66
CA ALA B 326 19.54 24.22 -9.52
C ALA B 326 18.93 25.14 -8.49
N ARG B 327 18.29 26.23 -8.93
CA ARG B 327 17.64 27.19 -8.03
C ARG B 327 16.48 26.50 -7.33
N PHE B 328 15.63 25.87 -8.11
CA PHE B 328 14.53 25.20 -7.47
C PHE B 328 15.00 24.22 -6.40
N LEU B 329 15.90 23.29 -6.79
CA LEU B 329 16.36 22.27 -5.87
C LEU B 329 17.08 22.76 -4.63
N SER B 330 17.72 23.91 -4.68
CA SER B 330 18.47 24.35 -3.50
C SER B 330 17.56 24.61 -2.34
N PRO B 331 17.78 23.88 -1.24
CA PRO B 331 16.99 24.07 -0.03
C PRO B 331 17.01 25.54 0.38
N THR B 332 15.82 26.15 0.42
CA THR B 332 15.68 27.58 0.71
C THR B 332 14.75 27.94 1.86
N LEU B 333 15.39 28.50 2.87
CA LEU B 333 14.63 28.91 4.03
C LEU B 333 14.00 30.29 3.85
N ARG B 334 12.89 30.51 4.55
CA ARG B 334 12.19 31.79 4.50
C ARG B 334 12.93 32.89 5.27
N ALA B 335 12.56 34.14 4.96
CA ALA B 335 13.16 35.29 5.61
C ALA B 335 12.73 35.34 7.07
ZN ZN C . -8.92 -9.76 11.44
ZN ZN D . -11.76 -8.58 9.64
C1 EBP E . 8.37 -21.90 -8.42
C2 EBP E . 9.77 -21.95 -8.24
C3 EBP E . 10.33 -22.57 -7.08
C4 EBP E . 9.46 -23.12 -6.09
C5 EBP E . 8.06 -23.06 -6.27
C6 EBP E . 7.51 -22.46 -7.43
C7 EBP E . 7.80 -21.28 -9.67
C8 EBP E . 10.03 -23.78 -4.88
C9 EBP E . 5.04 -20.81 -8.57
C10 EBP E . 3.79 -20.00 -8.75
C11 EBP E . 8.77 -17.72 -8.36
C12 EBP E . 9.89 -17.44 -9.32
P EBP E . 7.34 -19.77 -9.34
O1 EBP E . 6.15 -19.93 -8.27
O2 EBP E . 8.53 -19.15 -8.44
O3 EBP E . 7.04 -19.21 -10.66
P1 DII F . -10.94 -5.35 10.53
O1 DII F . -10.96 -6.56 9.56
O2 DII F . -11.67 -4.03 10.06
C1 DII F . -11.42 -2.74 10.74
C2 DII F . -10.13 -2.08 10.27
C3 DII F . -12.57 -1.77 10.47
O3 DII F . -9.46 -4.94 10.82
C4 DII F . -8.42 -5.93 11.02
C5 DII F . -7.07 -5.28 10.75
C6 DII F . -8.51 -6.41 12.47
C7 DII F . -11.62 -5.86 11.95
ZN ZN G . 5.05 11.42 -12.46
ZN ZN H . 1.62 12.65 -11.99
C1 EBP I . 15.72 12.87 14.06
C2 EBP I . 16.75 11.99 14.49
C3 EBP I . 17.98 11.90 13.75
C4 EBP I . 18.16 12.71 12.61
C5 EBP I . 17.14 13.62 12.18
C6 EBP I . 15.92 13.70 12.90
C7 EBP I . 14.43 12.99 14.84
C8 EBP I . 19.46 12.63 11.83
C9 EBP I . 12.61 13.81 12.51
C10 EBP I . 11.13 14.02 12.61
C11 EBP I . 13.30 9.38 14.18
C12 EBP I . 12.72 9.16 12.81
P EBP I . 13.30 11.99 14.29
O1 EBP I . 12.91 12.42 12.82
O2 EBP I . 14.05 10.60 14.10
O3 EBP I . 12.26 12.09 15.33
P1 DII J . 0.32 9.22 -13.11
O1 DII J . 0.34 10.28 -12.02
O2 DII J . 1.21 7.94 -12.84
C1 DII J . 2.63 8.00 -12.53
C2 DII J . 3.02 6.87 -11.55
C3 DII J . 3.44 7.86 -13.82
O3 DII J . -1.18 8.78 -13.42
C4 DII J . -1.81 7.53 -12.96
C5 DII J . -3.15 7.33 -13.66
C6 DII J . -0.96 6.28 -13.20
C7 DII J . 0.88 9.91 -14.49
#